data_4MW5
#
_entry.id   4MW5
#
_cell.length_a   87.449
_cell.length_b   105.728
_cell.length_c   206.592
_cell.angle_alpha   90.000
_cell.angle_beta   90.000
_cell.angle_gamma   90.000
#
_symmetry.space_group_name_H-M   'P 21 21 21'
#
loop_
_entity.id
_entity.type
_entity.pdbx_description
1 polymer 'Methionyl-tRNA synthetase'
2 non-polymer GLYCEROL
3 non-polymer 'DIMETHYL SULFOXIDE'
4 non-polymer METHIONINE
5 non-polymer 'SULFATE ION'
6 non-polymer 1-{3-[(3-chloro-5-methoxybenzyl)amino]propyl}-3-phenylurea
7 water water
#
_entity_poly.entity_id   1
_entity_poly.type   'polypeptide(L)'
_entity_poly.pdbx_seq_one_letter_code
;GPGSMKVEKVFFVTSPIYYVNAAPHIGHVYSTLITDVIGRYHRVKGERVFALTGTDEHGQKVAEAAKQKQVSPYDFTTAV
AGEFKKCFEQMDYSIDYFIRTTNEQHKAVVKELWTKLEQKGDIYLGRYEGWYSISDESFLTPQNITDGVDKDGNPCKVSL
ESGHVVTWVSEENYMFRLSAFRERLLEWYHANPGCIVPEFRRREVIRAVEKGLPDLSVSRARATLHNWAIPVPGNPDH
(CAS)VYVWLDALTNYLTGSRLRVDESGKEVSLVDDFNELERFPADVHVIGKDILKFHAIYWPAFLLSAGLPLPKKIVAH
GWWTKDRKKISKSLGNVFDPVEKAEEFGYDALKYFLLRESGFSDDGDYSDKNMIARLNGELADTLGNLVMRCTSAKINVN
GEWPSPAAYTEEDESLIQLIKDLPGTADHYYLIPDIQKAIIAVFDVLRAINAYVTDMAPWKLVKTDPERLRTVLYITLEG
VRVTTLLLSPILPRKSVVIFDMLGVPEVHRKGIENFEFGAVPPGTRLGPAVEGEVLFSKRSTENTKST
;
_entity_poly.pdbx_strand_id   A,B
#
loop_
_chem_comp.id
_chem_comp.type
_chem_comp.name
_chem_comp.formula
415 non-polymer 1-{3-[(3-chloro-5-methoxybenzyl)amino]propyl}-3-phenylurea 'C18 H22 Cl N3 O2'
DMS non-polymer 'DIMETHYL SULFOXIDE' 'C2 H6 O S'
GOL non-polymer GLYCEROL 'C3 H8 O3'
SO4 non-polymer 'SULFATE ION' 'O4 S -2'
#
# COMPACT_ATOMS: atom_id res chain seq x y z
N GLU A 8 -1.95 32.97 2.98
CA GLU A 8 -3.10 32.16 3.44
C GLU A 8 -4.39 32.93 3.17
N LYS A 9 -5.43 32.17 2.86
CA LYS A 9 -6.70 32.73 2.52
C LYS A 9 -7.70 31.72 3.07
N VAL A 10 -8.99 31.99 2.87
CA VAL A 10 -10.01 31.02 3.23
C VAL A 10 -10.05 30.00 2.11
N PHE A 11 -9.89 28.72 2.45
CA PHE A 11 -10.05 27.66 1.47
C PHE A 11 -11.50 27.65 0.99
N PHE A 12 -11.69 27.86 -0.29
CA PHE A 12 -13.02 28.08 -0.86
C PHE A 12 -13.36 26.90 -1.78
N VAL A 13 -14.34 26.10 -1.38
CA VAL A 13 -14.77 24.95 -2.16
C VAL A 13 -16.26 25.06 -2.47
N THR A 14 -16.64 24.72 -3.70
CA THR A 14 -18.01 24.87 -4.17
C THR A 14 -18.58 23.61 -4.77
N SER A 15 -19.90 23.52 -4.80
CA SER A 15 -20.61 22.53 -5.61
C SER A 15 -21.26 23.30 -6.72
N PRO A 16 -21.75 22.59 -7.76
CA PRO A 16 -22.60 23.29 -8.70
C PRO A 16 -23.83 23.82 -7.98
N ILE A 17 -24.48 24.84 -8.56
CA ILE A 17 -25.82 25.22 -8.09
C ILE A 17 -26.83 24.55 -9.01
N TYR A 18 -27.81 23.87 -8.43
CA TYR A 18 -28.62 22.93 -9.18
C TYR A 18 -29.91 23.56 -9.73
N TYR A 19 -30.31 23.15 -10.94
CA TYR A 19 -31.60 23.59 -11.46
C TYR A 19 -32.69 23.08 -10.55
N VAL A 20 -33.70 23.92 -10.30
CA VAL A 20 -34.82 23.55 -9.43
C VAL A 20 -36.07 23.17 -10.23
N ASN A 21 -35.87 22.59 -11.42
CA ASN A 21 -36.98 22.13 -12.26
C ASN A 21 -37.64 20.90 -11.67
N ALA A 22 -36.91 20.17 -10.84
CA ALA A 22 -37.43 19.00 -10.14
C ALA A 22 -36.76 18.79 -8.78
N ALA A 23 -37.28 17.80 -8.06
CA ALA A 23 -36.88 17.52 -6.69
C ALA A 23 -35.44 17.06 -6.65
N PRO A 24 -34.76 17.29 -5.52
CA PRO A 24 -33.38 16.85 -5.40
C PRO A 24 -33.27 15.32 -5.43
N HIS A 25 -32.16 14.82 -5.95
CA HIS A 25 -31.91 13.40 -6.05
C HIS A 25 -30.42 13.11 -5.85
N ILE A 26 -30.03 11.85 -6.05
CA ILE A 26 -28.68 11.36 -5.75
C ILE A 26 -27.54 12.15 -6.41
N GLY A 27 -27.70 12.56 -7.65
CA GLY A 27 -26.67 13.37 -8.32
C GLY A 27 -26.29 14.64 -7.58
N HIS A 28 -27.31 15.35 -7.11
CA HIS A 28 -27.11 16.57 -6.34
C HIS A 28 -26.48 16.25 -4.99
N VAL A 29 -27.00 15.21 -4.34
CA VAL A 29 -26.49 14.78 -3.04
C VAL A 29 -25.02 14.36 -3.13
N TYR A 30 -24.67 13.68 -4.22
CA TYR A 30 -23.31 13.24 -4.47
C TYR A 30 -22.33 14.39 -4.68
N SER A 31 -22.68 15.31 -5.58
CA SER A 31 -21.83 16.49 -5.86
C SER A 31 -21.58 17.34 -4.62
N THR A 32 -22.63 17.58 -3.85
CA THR A 32 -22.53 18.36 -2.63
C THR A 32 -21.71 17.61 -1.56
N LEU A 33 -21.89 16.29 -1.48
CA LEU A 33 -21.07 15.47 -0.57
C LEU A 33 -19.56 15.61 -0.78
N ILE A 34 -19.14 15.56 -2.04
CA ILE A 34 -17.75 15.72 -2.43
C ILE A 34 -17.26 17.07 -1.97
N THR A 35 -18.05 18.10 -2.27
CA THR A 35 -17.78 19.46 -1.81
C THR A 35 -17.62 19.47 -0.30
N ASP A 36 -18.53 18.78 0.38
CA ASP A 36 -18.54 18.75 1.82
C ASP A 36 -17.31 18.08 2.41
N VAL A 37 -16.95 16.94 1.83
CA VAL A 37 -15.80 16.18 2.26
C VAL A 37 -14.50 16.99 2.11
N ILE A 38 -14.33 17.63 0.95
CA ILE A 38 -13.17 18.47 0.74
C ILE A 38 -13.10 19.57 1.82
N GLY A 39 -14.19 20.29 2.03
CA GLY A 39 -14.23 21.30 3.08
C GLY A 39 -13.91 20.74 4.46
N ARG A 40 -14.50 19.61 4.80
CA ARG A 40 -14.27 18.99 6.11
C ARG A 40 -12.80 18.64 6.31
N TYR A 41 -12.16 18.10 5.28
CA TYR A 41 -10.75 17.74 5.39
C TYR A 41 -9.89 18.97 5.70
N HIS A 42 -10.15 20.08 5.03
CA HIS A 42 -9.36 21.29 5.28
C HIS A 42 -9.64 21.91 6.64
N ARG A 43 -10.87 21.79 7.14
CA ARG A 43 -11.13 22.20 8.53
C ARG A 43 -10.37 21.31 9.49
N VAL A 44 -10.26 20.02 9.19
CA VAL A 44 -9.50 19.08 10.06
C VAL A 44 -8.01 19.46 10.09
N LYS A 45 -7.48 19.97 8.99
CA LYS A 45 -6.13 20.51 8.98
C LYS A 45 -6.00 21.84 9.73
N GLY A 46 -7.11 22.39 10.21
CA GLY A 46 -7.10 23.64 10.94
C GLY A 46 -7.16 24.87 10.06
N GLU A 47 -7.57 24.69 8.81
CA GLU A 47 -7.66 25.81 7.87
C GLU A 47 -9.02 26.53 7.95
N ARG A 48 -9.04 27.81 7.60
CA ARG A 48 -10.30 28.50 7.34
C ARG A 48 -10.95 27.95 6.07
N VAL A 49 -12.23 27.62 6.14
CA VAL A 49 -12.94 27.03 5.02
C VAL A 49 -14.28 27.74 4.82
N PHE A 50 -14.64 27.97 3.56
CA PHE A 50 -15.99 28.39 3.19
C PHE A 50 -16.46 27.44 2.11
N ALA A 51 -17.46 26.62 2.43
CA ALA A 51 -18.00 25.65 1.49
C ALA A 51 -19.37 26.12 1.05
N LEU A 52 -19.63 26.01 -0.25
CA LEU A 52 -20.79 26.65 -0.85
C LEU A 52 -21.58 25.66 -1.71
N THR A 53 -22.90 25.78 -1.66
CA THR A 53 -23.82 25.00 -2.51
C THR A 53 -25.03 25.88 -2.78
N GLY A 54 -25.98 25.38 -3.55
CA GLY A 54 -27.19 26.16 -3.81
C GLY A 54 -27.99 25.75 -5.03
N THR A 55 -28.80 26.70 -5.51
CA THR A 55 -29.76 26.42 -6.56
C THR A 55 -29.75 27.47 -7.63
N ASP A 56 -29.92 26.98 -8.86
CA ASP A 56 -29.89 27.74 -10.09
C ASP A 56 -31.35 27.87 -10.49
N GLU A 57 -31.93 29.06 -10.34
CA GLU A 57 -33.39 29.20 -10.30
C GLU A 57 -34.04 29.94 -11.46
N HIS A 58 -33.22 30.57 -12.31
CA HIS A 58 -33.71 31.30 -13.47
C HIS A 58 -33.64 30.41 -14.71
N GLY A 59 -34.15 30.96 -15.81
CA GLY A 59 -34.06 30.32 -17.11
C GLY A 59 -35.35 29.68 -17.61
N GLN A 60 -35.28 29.27 -18.87
CA GLN A 60 -36.41 28.71 -19.59
C GLN A 60 -36.75 27.32 -19.05
N LYS A 61 -35.73 26.51 -18.82
CA LYS A 61 -35.92 25.19 -18.23
C LYS A 61 -36.78 25.33 -16.99
N VAL A 62 -36.31 26.12 -16.03
CA VAL A 62 -37.01 26.27 -14.76
C VAL A 62 -38.40 26.89 -14.91
N ALA A 63 -38.49 27.97 -15.69
CA ALA A 63 -39.76 28.66 -15.91
C ALA A 63 -40.79 27.76 -16.57
N GLU A 64 -40.34 26.91 -17.51
CA GLU A 64 -41.26 25.98 -18.17
C GLU A 64 -41.66 24.82 -17.28
N ALA A 65 -40.75 24.33 -16.43
CA ALA A 65 -41.15 23.34 -15.43
C ALA A 65 -42.21 23.88 -14.45
N ALA A 66 -42.14 25.17 -14.14
CA ALA A 66 -43.13 25.82 -13.27
C ALA A 66 -44.48 26.00 -13.97
N LYS A 67 -44.44 26.29 -15.26
CA LYS A 67 -45.65 26.41 -16.08
C LYS A 67 -46.36 25.05 -16.16
N GLN A 68 -45.59 23.98 -16.35
CA GLN A 68 -46.15 22.64 -16.45
C GLN A 68 -46.86 22.19 -15.17
N LYS A 69 -46.39 22.69 -14.02
CA LYS A 69 -47.07 22.46 -12.74
C LYS A 69 -48.20 23.48 -12.50
N GLN A 70 -48.32 24.47 -13.38
CA GLN A 70 -49.34 25.52 -13.26
C GLN A 70 -49.18 26.34 -11.99
N VAL A 71 -47.95 26.79 -11.73
CA VAL A 71 -47.64 27.59 -10.55
C VAL A 71 -46.73 28.76 -10.95
N SER A 72 -46.81 29.84 -10.18
CA SER A 72 -45.87 30.96 -10.26
C SER A 72 -44.39 30.53 -10.15
N PRO A 73 -43.52 31.09 -11.00
CA PRO A 73 -42.08 30.83 -10.91
C PRO A 73 -41.48 31.17 -9.54
N TYR A 74 -41.98 32.21 -8.89
CA TYR A 74 -41.51 32.59 -7.57
C TYR A 74 -41.87 31.51 -6.55
N ASP A 75 -43.14 31.09 -6.57
CA ASP A 75 -43.62 30.04 -5.68
C ASP A 75 -42.98 28.68 -5.95
N PHE A 76 -42.82 28.35 -7.23
CA PHE A 76 -42.21 27.07 -7.62
C PHE A 76 -40.73 27.00 -7.19
N THR A 77 -39.95 28.02 -7.51
CA THR A 77 -38.52 28.02 -7.18
C THR A 77 -38.30 27.98 -5.67
N THR A 78 -39.07 28.78 -4.93
CA THR A 78 -39.00 28.80 -3.47
C THR A 78 -39.34 27.42 -2.87
N ALA A 79 -40.42 26.81 -3.34
CA ALA A 79 -40.80 25.50 -2.85
C ALA A 79 -39.70 24.46 -3.09
N VAL A 80 -39.17 24.41 -4.32
CA VAL A 80 -38.21 23.39 -4.70
C VAL A 80 -36.88 23.64 -4.02
N ALA A 81 -36.45 24.90 -4.02
CA ALA A 81 -35.28 25.29 -3.23
C ALA A 81 -35.42 24.82 -1.79
N GLY A 82 -36.61 24.98 -1.22
CA GLY A 82 -36.91 24.44 0.10
C GLY A 82 -36.65 22.94 0.23
N GLU A 83 -37.04 22.18 -0.79
CA GLU A 83 -36.76 20.74 -0.82
C GLU A 83 -35.26 20.44 -0.88
N PHE A 84 -34.51 21.22 -1.65
CA PHE A 84 -33.06 21.08 -1.68
C PHE A 84 -32.44 21.35 -0.31
N LYS A 85 -32.86 22.42 0.34
CA LYS A 85 -32.34 22.76 1.67
C LYS A 85 -32.66 21.68 2.69
N LYS A 86 -33.90 21.20 2.67
CA LYS A 86 -34.33 20.16 3.58
C LYS A 86 -33.52 18.88 3.39
N CYS A 87 -33.32 18.51 2.13
CA CYS A 87 -32.55 17.32 1.79
C CYS A 87 -31.10 17.43 2.28
N PHE A 88 -30.46 18.56 2.00
CA PHE A 88 -29.07 18.76 2.41
C PHE A 88 -28.92 18.83 3.94
N GLU A 89 -29.92 19.39 4.60
CA GLU A 89 -29.93 19.45 6.05
C GLU A 89 -29.95 18.03 6.57
N GLN A 90 -30.84 17.24 5.99
CA GLN A 90 -31.05 15.86 6.40
C GLN A 90 -29.81 15.01 6.12
N MET A 91 -29.07 15.35 5.07
CA MET A 91 -27.83 14.65 4.72
C MET A 91 -26.67 15.02 5.64
N ASP A 92 -26.85 16.02 6.50
CA ASP A 92 -25.90 16.27 7.58
C ASP A 92 -24.52 16.62 7.03
N TYR A 93 -24.52 17.56 6.09
CA TYR A 93 -23.30 18.15 5.58
C TYR A 93 -22.87 19.25 6.52
N SER A 94 -21.71 19.84 6.25
CA SER A 94 -21.25 21.04 6.95
C SER A 94 -20.94 22.11 5.94
N ILE A 95 -21.95 22.48 5.17
CA ILE A 95 -21.85 23.51 4.15
C ILE A 95 -22.06 24.88 4.81
N ASP A 96 -21.26 25.88 4.45
CA ASP A 96 -21.32 27.17 5.13
C ASP A 96 -22.39 28.10 4.59
N TYR A 97 -22.81 27.91 3.34
CA TYR A 97 -23.84 28.75 2.78
C TYR A 97 -24.54 28.12 1.59
N PHE A 98 -25.85 28.34 1.55
CA PHE A 98 -26.73 27.88 0.50
C PHE A 98 -27.25 29.09 -0.28
N ILE A 99 -26.77 29.23 -1.53
CA ILE A 99 -27.09 30.40 -2.34
C ILE A 99 -28.20 30.07 -3.34
N ARG A 100 -29.01 31.09 -3.62
CA ARG A 100 -30.09 31.00 -4.58
C ARG A 100 -29.93 32.15 -5.55
N THR A 101 -30.02 31.87 -6.85
CA THR A 101 -29.76 32.92 -7.83
C THR A 101 -30.86 33.97 -7.92
N THR A 102 -31.98 33.75 -7.23
CA THR A 102 -33.05 34.76 -7.09
C THR A 102 -32.73 35.75 -5.98
N ASN A 103 -31.68 35.50 -5.22
CA ASN A 103 -31.22 36.43 -4.20
C ASN A 103 -30.88 37.78 -4.83
N GLU A 104 -31.36 38.84 -4.20
CA GLU A 104 -31.19 40.18 -4.70
C GLU A 104 -29.72 40.59 -4.75
N GLN A 105 -28.91 40.16 -3.79
CA GLN A 105 -27.47 40.49 -3.80
C GLN A 105 -26.72 39.77 -4.92
N HIS A 106 -27.10 38.54 -5.22
CA HIS A 106 -26.52 37.84 -6.39
C HIS A 106 -26.80 38.60 -7.68
N LYS A 107 -28.04 39.06 -7.79
CA LYS A 107 -28.47 39.83 -8.92
C LYS A 107 -27.57 41.03 -9.17
N ALA A 108 -27.28 41.79 -8.12
CA ALA A 108 -26.39 42.95 -8.22
C ALA A 108 -25.00 42.59 -8.72
N VAL A 109 -24.49 41.43 -8.26
CA VAL A 109 -23.16 40.97 -8.66
C VAL A 109 -23.14 40.59 -10.15
N VAL A 110 -24.18 39.89 -10.59
CA VAL A 110 -24.31 39.58 -12.01
C VAL A 110 -24.30 40.85 -12.86
N LYS A 111 -25.05 41.87 -12.46
CA LYS A 111 -25.09 43.10 -13.23
C LYS A 111 -23.73 43.78 -13.24
N GLU A 112 -23.05 43.69 -12.10
CA GLU A 112 -21.74 44.26 -11.96
C GLU A 112 -20.72 43.53 -12.84
N LEU A 113 -20.78 42.20 -12.90
CA LEU A 113 -19.88 41.44 -13.77
C LEU A 113 -20.17 41.72 -15.25
N TRP A 114 -21.44 41.73 -15.62
CA TRP A 114 -21.82 42.06 -16.99
C TRP A 114 -21.22 43.39 -17.44
N THR A 115 -21.38 44.39 -16.59
CA THR A 115 -20.91 45.74 -16.86
C THR A 115 -19.39 45.78 -17.04
N LYS A 116 -18.64 45.04 -16.20
CA LYS A 116 -17.20 44.89 -16.41
C LYS A 116 -16.90 44.32 -17.79
N LEU A 117 -17.55 43.21 -18.14
CA LEU A 117 -17.34 42.58 -19.44
C LEU A 117 -17.63 43.53 -20.58
N GLU A 118 -18.70 44.32 -20.47
CA GLU A 118 -19.04 45.28 -21.49
C GLU A 118 -18.01 46.37 -21.53
N GLN A 119 -17.64 46.92 -20.37
CA GLN A 119 -16.64 47.98 -20.31
C GLN A 119 -15.28 47.53 -20.82
N LYS A 120 -15.01 46.24 -20.75
CA LYS A 120 -13.77 45.68 -21.26
C LYS A 120 -13.77 45.57 -22.79
N GLY A 121 -14.96 45.71 -23.40
CA GLY A 121 -15.13 45.62 -24.84
C GLY A 121 -15.41 44.20 -25.31
N ASP A 122 -15.77 43.30 -24.39
CA ASP A 122 -15.91 41.90 -24.76
C ASP A 122 -17.36 41.45 -24.98
N ILE A 123 -18.29 42.40 -25.04
CA ILE A 123 -19.67 42.11 -25.36
C ILE A 123 -20.21 42.99 -26.48
N TYR A 124 -20.76 42.36 -27.51
CA TYR A 124 -21.33 43.12 -28.60
C TYR A 124 -22.72 42.57 -28.91
N LEU A 125 -23.53 43.38 -29.57
CA LEU A 125 -24.80 42.93 -30.06
C LEU A 125 -24.57 42.18 -31.37
N GLY A 126 -24.98 40.93 -31.40
CA GLY A 126 -24.92 40.10 -32.59
C GLY A 126 -26.12 39.18 -32.69
N ARG A 127 -25.93 38.03 -33.35
CA ARG A 127 -26.99 37.05 -33.54
C ARG A 127 -26.50 35.65 -33.24
N TYR A 128 -27.35 34.85 -32.60
CA TYR A 128 -27.17 33.43 -32.56
C TYR A 128 -28.25 32.77 -33.46
N GLU A 129 -27.77 31.94 -34.39
CA GLU A 129 -28.60 31.11 -35.26
C GLU A 129 -28.03 29.70 -35.19
N GLY A 130 -28.69 28.84 -34.42
CA GLY A 130 -28.14 27.53 -34.17
C GLY A 130 -28.97 26.72 -33.22
N TRP A 131 -28.46 25.55 -32.90
CA TRP A 131 -29.17 24.64 -32.03
C TRP A 131 -28.97 25.02 -30.57
N TYR A 132 -29.97 24.68 -29.77
CA TYR A 132 -29.93 24.94 -28.35
C TYR A 132 -30.70 23.84 -27.62
N SER A 133 -30.10 23.33 -26.55
CA SER A 133 -30.76 22.37 -25.67
C SER A 133 -31.31 23.12 -24.46
N ILE A 134 -32.62 23.19 -24.35
CA ILE A 134 -33.24 23.91 -23.22
C ILE A 134 -32.92 23.22 -21.90
N SER A 135 -32.99 21.90 -21.91
CA SER A 135 -32.76 21.10 -20.72
C SER A 135 -31.33 21.22 -20.16
N ASP A 136 -30.36 21.47 -21.04
CA ASP A 136 -28.98 21.68 -20.61
C ASP A 136 -28.61 23.16 -20.59
N GLU A 137 -29.55 23.99 -21.02
CA GLU A 137 -29.33 25.43 -21.26
C GLU A 137 -28.03 25.66 -22.03
N SER A 138 -27.87 24.91 -23.12
CA SER A 138 -26.59 24.80 -23.81
C SER A 138 -26.67 25.01 -25.32
N PHE A 139 -25.74 25.79 -25.84
CA PHE A 139 -25.61 25.97 -27.27
C PHE A 139 -24.84 24.82 -27.86
N LEU A 140 -25.30 24.33 -29.00
CA LEU A 140 -24.69 23.18 -29.64
C LEU A 140 -24.48 23.43 -31.12
N THR A 141 -23.41 22.86 -31.67
CA THR A 141 -23.13 22.89 -33.10
C THR A 141 -23.83 21.72 -33.77
N PRO A 142 -23.99 21.78 -35.11
CA PRO A 142 -24.61 20.65 -35.80
C PRO A 142 -23.89 19.30 -35.57
N GLN A 143 -22.59 19.36 -35.29
CA GLN A 143 -21.79 18.15 -35.00
C GLN A 143 -22.18 17.50 -33.68
N ASN A 144 -22.85 18.24 -32.81
CA ASN A 144 -23.23 17.74 -31.50
C ASN A 144 -24.72 17.47 -31.32
N ILE A 145 -25.43 17.29 -32.43
CA ILE A 145 -26.81 16.85 -32.40
C ILE A 145 -27.00 15.63 -33.29
N THR A 146 -28.14 14.96 -33.14
CA THR A 146 -28.46 13.81 -33.96
C THR A 146 -29.97 13.58 -33.91
N ASP A 147 -30.43 12.52 -34.56
CA ASP A 147 -31.86 12.21 -34.62
C ASP A 147 -32.33 11.44 -33.39
N GLY A 148 -33.56 11.72 -32.96
CA GLY A 148 -34.19 11.06 -31.80
C GLY A 148 -35.70 11.23 -31.86
N VAL A 149 -36.36 11.15 -30.71
CA VAL A 149 -37.83 11.32 -30.66
C VAL A 149 -38.36 12.27 -29.58
N ASP A 150 -39.52 12.87 -29.85
CA ASP A 150 -40.23 13.74 -28.90
C ASP A 150 -40.72 13.00 -27.66
N LYS A 151 -41.36 13.75 -26.76
CA LYS A 151 -42.19 13.16 -25.71
C LYS A 151 -43.36 12.37 -26.31
N ASP A 152 -43.85 12.83 -27.47
CA ASP A 152 -44.91 12.15 -28.22
C ASP A 152 -44.42 10.89 -28.94
N GLY A 153 -43.15 10.90 -29.35
CA GLY A 153 -42.59 9.84 -30.20
C GLY A 153 -42.46 10.28 -31.66
N ASN A 154 -42.70 11.56 -31.94
CA ASN A 154 -42.42 12.13 -33.25
C ASN A 154 -40.92 12.37 -33.42
N PRO A 155 -40.43 12.36 -34.67
CA PRO A 155 -39.01 12.56 -34.93
C PRO A 155 -38.57 13.98 -34.63
N CYS A 156 -37.41 14.12 -34.01
CA CYS A 156 -36.84 15.42 -33.68
C CYS A 156 -35.33 15.32 -33.71
N LYS A 157 -34.66 16.40 -33.33
CA LYS A 157 -33.23 16.36 -33.09
C LYS A 157 -32.97 16.36 -31.60
N VAL A 158 -31.88 15.69 -31.21
CA VAL A 158 -31.47 15.63 -29.82
C VAL A 158 -29.97 15.91 -29.67
N SER A 159 -29.59 16.30 -28.46
CA SER A 159 -28.19 16.47 -28.12
C SER A 159 -27.44 15.14 -28.07
N LEU A 160 -26.27 15.09 -28.70
CA LEU A 160 -25.37 13.92 -28.54
C LEU A 160 -24.83 13.86 -27.11
N GLU A 161 -24.48 15.04 -26.59
CA GLU A 161 -24.14 15.27 -25.17
C GLU A 161 -25.09 14.49 -24.26
N SER A 162 -26.37 14.82 -24.30
CA SER A 162 -27.30 14.47 -23.23
C SER A 162 -28.56 13.75 -23.66
N GLY A 163 -28.86 13.75 -24.96
CA GLY A 163 -30.07 13.08 -25.45
C GLY A 163 -31.34 13.90 -25.30
N HIS A 164 -31.26 15.10 -24.74
CA HIS A 164 -32.45 15.93 -24.61
C HIS A 164 -32.77 16.62 -25.94
N VAL A 165 -34.05 16.97 -26.13
CA VAL A 165 -34.51 17.60 -27.36
C VAL A 165 -33.83 18.95 -27.58
N VAL A 166 -33.40 19.20 -28.81
CA VAL A 166 -32.81 20.50 -29.19
C VAL A 166 -33.74 21.27 -30.13
N THR A 167 -33.61 22.60 -30.09
CA THR A 167 -34.41 23.48 -30.91
C THR A 167 -33.52 24.51 -31.60
N TRP A 168 -34.00 24.99 -32.74
CA TRP A 168 -33.29 25.99 -33.49
C TRP A 168 -33.67 27.38 -33.01
N VAL A 169 -32.66 28.14 -32.60
CA VAL A 169 -32.81 29.49 -32.12
C VAL A 169 -32.23 30.44 -33.14
N SER A 170 -32.97 31.50 -33.44
CA SER A 170 -32.47 32.56 -34.31
C SER A 170 -32.87 33.88 -33.66
N GLU A 171 -31.93 34.51 -32.97
CA GLU A 171 -32.22 35.70 -32.19
C GLU A 171 -31.06 36.66 -32.20
N GLU A 172 -31.38 37.94 -32.21
CA GLU A 172 -30.44 38.98 -31.90
C GLU A 172 -30.07 38.88 -30.41
N ASN A 173 -28.81 38.56 -30.11
CA ASN A 173 -28.36 38.38 -28.73
C ASN A 173 -27.09 39.19 -28.49
N TYR A 174 -26.86 39.59 -27.24
CA TYR A 174 -25.54 40.05 -26.82
C TYR A 174 -24.59 38.84 -26.84
N MET A 175 -23.43 39.05 -27.46
CA MET A 175 -22.43 38.02 -27.65
C MET A 175 -21.14 38.40 -26.90
N PHE A 176 -20.59 37.41 -26.20
CA PHE A 176 -19.30 37.53 -25.51
C PHE A 176 -18.20 37.02 -26.46
N ARG A 177 -17.08 37.75 -26.50
CA ARG A 177 -15.96 37.46 -27.42
C ARG A 177 -15.09 36.28 -26.98
N LEU A 178 -15.70 35.11 -26.85
CA LEU A 178 -14.99 33.95 -26.33
C LEU A 178 -13.87 33.51 -27.27
N SER A 179 -14.08 33.72 -28.56
CA SER A 179 -13.08 33.40 -29.58
C SER A 179 -11.74 34.09 -29.32
N ALA A 180 -11.79 35.25 -28.68
CA ALA A 180 -10.59 36.04 -28.38
C ALA A 180 -9.80 35.53 -27.19
N PHE A 181 -10.31 34.53 -26.49
CA PHE A 181 -9.68 34.04 -25.26
C PHE A 181 -8.98 32.70 -25.41
N ARG A 182 -9.08 32.11 -26.60
CA ARG A 182 -8.46 30.82 -26.90
C ARG A 182 -7.00 30.71 -26.46
N GLU A 183 -6.17 31.64 -26.88
CA GLU A 183 -4.74 31.60 -26.55
C GLU A 183 -4.46 31.68 -25.06
N ARG A 184 -5.20 32.55 -24.37
CA ARG A 184 -4.99 32.75 -22.94
C ARG A 184 -5.47 31.53 -22.15
N LEU A 185 -6.54 30.90 -22.62
CA LEU A 185 -7.04 29.69 -22.00
C LEU A 185 -6.03 28.56 -22.16
N LEU A 186 -5.45 28.42 -23.35
CA LEU A 186 -4.43 27.39 -23.57
C LEU A 186 -3.20 27.62 -22.70
N GLU A 187 -2.79 28.88 -22.56
CA GLU A 187 -1.68 29.27 -21.68
C GLU A 187 -1.98 28.87 -20.24
N TRP A 188 -3.23 29.06 -19.83
CA TRP A 188 -3.64 28.76 -18.47
C TRP A 188 -3.62 27.25 -18.22
N TYR A 189 -4.15 26.45 -19.15
CA TYR A 189 -4.16 25.00 -18.98
C TYR A 189 -2.73 24.46 -18.91
N HIS A 190 -1.86 24.93 -19.79
N HIS A 190 -1.88 24.93 -19.81
CA HIS A 190 -0.52 24.38 -19.87
CA HIS A 190 -0.50 24.46 -19.92
C HIS A 190 0.38 24.83 -18.72
C HIS A 190 0.30 24.79 -18.67
N ALA A 191 0.09 25.98 -18.12
CA ALA A 191 0.86 26.47 -16.98
C ALA A 191 0.33 25.92 -15.66
N ASN A 192 -0.90 25.44 -15.66
CA ASN A 192 -1.46 24.79 -14.47
C ASN A 192 -1.98 23.41 -14.84
N PRO A 193 -1.07 22.45 -15.03
CA PRO A 193 -1.49 21.13 -15.51
C PRO A 193 -2.24 20.30 -14.47
N GLY A 194 -2.39 20.81 -13.25
CA GLY A 194 -3.25 20.18 -12.24
C GLY A 194 -4.61 20.86 -12.11
N CYS A 195 -4.92 21.81 -12.99
CA CYS A 195 -6.08 22.66 -12.76
C CYS A 195 -7.41 22.01 -13.14
N ILE A 196 -7.37 20.98 -13.96
CA ILE A 196 -8.56 20.19 -14.23
C ILE A 196 -8.25 18.75 -13.91
N VAL A 197 -9.15 18.12 -13.16
CA VAL A 197 -9.01 16.74 -12.70
C VAL A 197 -10.31 16.03 -13.02
N PRO A 198 -10.23 14.75 -13.45
CA PRO A 198 -9.07 13.93 -13.73
C PRO A 198 -8.43 14.26 -15.06
N GLU A 199 -7.23 13.75 -15.28
CA GLU A 199 -6.38 14.18 -16.38
C GLU A 199 -7.05 14.04 -17.74
N PHE A 200 -7.83 12.99 -17.96
CA PHE A 200 -8.41 12.81 -19.29
C PHE A 200 -9.46 13.87 -19.63
N ARG A 201 -10.11 14.42 -18.61
CA ARG A 201 -11.05 15.53 -18.82
C ARG A 201 -10.30 16.80 -19.10
N ARG A 202 -9.16 16.97 -18.45
CA ARG A 202 -8.26 18.06 -18.80
C ARG A 202 -7.83 18.01 -20.27
N ARG A 203 -7.49 16.80 -20.76
CA ARG A 203 -7.09 16.65 -22.14
CA ARG A 203 -7.11 16.62 -22.16
C ARG A 203 -8.27 16.99 -23.08
N GLU A 204 -9.47 16.58 -22.70
CA GLU A 204 -10.68 16.84 -23.49
C GLU A 204 -10.84 18.33 -23.65
N VAL A 205 -10.75 19.05 -22.54
CA VAL A 205 -10.90 20.49 -22.58
C VAL A 205 -9.87 21.14 -23.49
N ILE A 206 -8.60 20.77 -23.34
CA ILE A 206 -7.52 21.37 -24.15
C ILE A 206 -7.72 21.07 -25.63
N ARG A 207 -8.05 19.82 -25.96
CA ARG A 207 -8.35 19.45 -27.35
C ARG A 207 -9.48 20.28 -27.95
N ALA A 208 -10.52 20.54 -27.16
CA ALA A 208 -11.69 21.28 -27.65
C ALA A 208 -11.33 22.74 -27.92
N VAL A 209 -10.59 23.34 -26.98
CA VAL A 209 -10.17 24.71 -27.14
C VAL A 209 -9.11 24.88 -28.25
N GLU A 210 -8.27 23.87 -28.45
CA GLU A 210 -7.29 23.90 -29.54
C GLU A 210 -7.96 24.07 -30.89
N LYS A 211 -9.11 23.40 -31.08
CA LYS A 211 -9.83 23.47 -32.36
C LYS A 211 -10.34 24.86 -32.73
N GLY A 212 -10.64 25.67 -31.73
CA GLY A 212 -11.12 27.03 -31.94
C GLY A 212 -12.37 27.22 -31.13
N LEU A 213 -12.66 28.46 -30.76
CA LEU A 213 -13.87 28.77 -29.99
C LEU A 213 -14.67 29.80 -30.74
N PRO A 214 -15.98 29.59 -30.85
CA PRO A 214 -16.83 30.64 -31.38
C PRO A 214 -17.19 31.64 -30.28
N ASP A 215 -17.81 32.74 -30.64
CA ASP A 215 -18.31 33.69 -29.65
C ASP A 215 -19.58 33.10 -29.05
N LEU A 216 -19.93 33.58 -27.86
CA LEU A 216 -20.95 32.96 -27.05
C LEU A 216 -22.06 33.93 -26.73
N SER A 217 -23.29 33.53 -27.02
CA SER A 217 -24.46 34.31 -26.71
C SER A 217 -24.61 34.39 -25.19
N VAL A 218 -24.61 35.61 -24.65
CA VAL A 218 -24.77 35.80 -23.21
C VAL A 218 -26.06 36.54 -22.82
N SER A 219 -26.95 36.78 -23.79
CA SER A 219 -28.29 37.25 -23.51
C SER A 219 -29.30 36.51 -24.36
N ARG A 220 -30.57 36.64 -24.01
CA ARG A 220 -31.69 36.11 -24.80
C ARG A 220 -32.82 37.14 -24.79
N ALA A 221 -33.63 37.14 -25.83
CA ALA A 221 -34.80 38.00 -25.88
C ALA A 221 -35.71 37.64 -24.73
N ARG A 222 -36.27 38.64 -24.08
CA ARG A 222 -36.95 38.43 -22.81
C ARG A 222 -38.16 37.50 -22.90
N ALA A 223 -38.88 37.50 -24.03
CA ALA A 223 -40.06 36.64 -24.20
C ALA A 223 -39.68 35.17 -24.19
N THR A 224 -38.59 34.82 -24.85
CA THR A 224 -38.13 33.44 -24.89
C THR A 224 -37.96 32.84 -23.51
N LEU A 225 -37.56 33.70 -22.56
CA LEU A 225 -37.30 33.33 -21.17
C LEU A 225 -38.53 33.39 -20.26
N HIS A 226 -39.69 33.74 -20.82
CA HIS A 226 -40.88 34.02 -20.01
C HIS A 226 -40.54 35.05 -18.91
N ASN A 227 -39.66 35.98 -19.25
CA ASN A 227 -39.21 37.00 -18.33
C ASN A 227 -38.71 36.46 -16.98
N TRP A 228 -38.16 35.25 -16.98
CA TRP A 228 -37.69 34.65 -15.76
C TRP A 228 -36.17 34.58 -15.73
N ALA A 229 -35.56 35.76 -15.52
CA ALA A 229 -34.13 35.93 -15.65
C ALA A 229 -33.74 37.35 -15.25
N ILE A 230 -32.43 37.62 -15.21
CA ILE A 230 -31.93 38.92 -14.81
C ILE A 230 -31.89 39.82 -16.06
N PRO A 231 -32.55 40.99 -16.01
CA PRO A 231 -32.47 41.88 -17.18
C PRO A 231 -31.04 42.33 -17.46
N VAL A 232 -30.69 42.46 -18.73
CA VAL A 232 -29.41 43.02 -19.12
C VAL A 232 -29.35 44.48 -18.72
N PRO A 233 -28.30 44.90 -17.99
CA PRO A 233 -28.17 46.33 -17.66
C PRO A 233 -28.15 47.19 -18.91
N GLY A 234 -28.98 48.23 -18.93
CA GLY A 234 -29.07 49.12 -20.08
C GLY A 234 -29.96 48.64 -21.22
N ASN A 235 -30.43 47.40 -21.17
CA ASN A 235 -31.28 46.90 -22.24
C ASN A 235 -32.35 45.94 -21.74
N PRO A 236 -33.53 46.46 -21.38
CA PRO A 236 -34.65 45.68 -20.85
C PRO A 236 -35.26 44.65 -21.79
N ASP A 237 -34.93 44.66 -23.08
CA ASP A 237 -35.48 43.66 -23.99
C ASP A 237 -34.74 42.30 -23.90
N HIS A 238 -33.60 42.28 -23.21
CA HIS A 238 -32.75 41.12 -23.12
C HIS A 238 -32.58 40.66 -21.68
N CAS A 239 -32.42 39.36 -21.49
CA CAS A 239 -32.11 38.79 -20.18
CB CAS A 239 -33.09 37.71 -19.77
C CAS A 239 -30.75 38.15 -20.24
O CAS A 239 -30.35 37.64 -21.28
SG CAS A 239 -34.80 38.14 -19.96
AS CAS A 239 -35.03 39.50 -18.30
CE1 CAS A 239 -35.50 41.28 -19.05
CE2 CAS A 239 -36.55 38.94 -17.17
N VAL A 240 -30.04 38.15 -19.12
CA VAL A 240 -28.72 37.54 -19.04
C VAL A 240 -28.81 36.01 -19.15
N TYR A 241 -27.92 35.44 -19.96
CA TYR A 241 -27.83 33.99 -20.12
C TYR A 241 -27.76 33.34 -18.75
N VAL A 242 -28.59 32.32 -18.56
CA VAL A 242 -28.73 31.67 -17.27
C VAL A 242 -27.38 31.16 -16.79
N TRP A 243 -26.52 30.74 -17.71
CA TRP A 243 -25.22 30.22 -17.31
C TRP A 243 -24.25 31.28 -16.82
N LEU A 244 -24.31 32.48 -17.38
CA LEU A 244 -23.46 33.58 -16.91
C LEU A 244 -23.93 34.01 -15.51
N ASP A 245 -25.24 34.17 -15.37
CA ASP A 245 -25.92 34.32 -14.07
C ASP A 245 -25.49 33.20 -13.10
N ALA A 246 -25.61 31.95 -13.51
CA ALA A 246 -25.29 30.83 -12.61
C ALA A 246 -23.81 30.80 -12.17
N LEU A 247 -22.88 30.94 -13.13
CA LEU A 247 -21.47 30.86 -12.80
C LEU A 247 -21.09 31.96 -11.81
N THR A 248 -21.75 33.09 -11.92
CA THR A 248 -21.46 34.21 -11.07
C THR A 248 -21.75 33.91 -9.59
N ASN A 249 -22.51 32.84 -9.29
CA ASN A 249 -22.83 32.51 -7.89
C ASN A 249 -21.56 32.31 -7.08
N TYR A 250 -20.50 31.83 -7.74
CA TYR A 250 -19.25 31.59 -7.06
C TYR A 250 -18.66 32.94 -6.60
N LEU A 251 -18.78 33.97 -7.42
CA LEU A 251 -18.28 35.30 -7.05
C LEU A 251 -19.18 35.92 -5.96
N THR A 252 -20.49 35.83 -6.14
CA THR A 252 -21.43 36.29 -5.12
C THR A 252 -21.15 35.67 -3.76
N GLY A 253 -21.05 34.34 -3.72
CA GLY A 253 -20.86 33.62 -2.49
C GLY A 253 -19.56 34.00 -1.80
N SER A 254 -18.56 34.31 -2.62
CA SER A 254 -17.26 34.74 -2.10
C SER A 254 -17.32 36.11 -1.43
N ARG A 255 -18.43 36.81 -1.64
CA ARG A 255 -18.61 38.19 -1.17
C ARG A 255 -19.77 38.38 -0.17
N LEU A 256 -20.34 37.30 0.34
CA LEU A 256 -21.45 37.37 1.27
C LEU A 256 -20.99 37.08 2.69
N ARG A 257 -21.19 38.06 3.58
CA ARG A 257 -21.09 37.83 5.02
C ARG A 257 -22.36 37.10 5.47
N VAL A 258 -22.17 36.01 6.22
CA VAL A 258 -23.23 35.11 6.63
C VAL A 258 -23.33 35.06 8.16
N ASP A 259 -24.54 35.13 8.71
CA ASP A 259 -24.75 35.09 10.17
C ASP A 259 -24.83 33.64 10.70
N GLU A 260 -24.96 33.50 12.02
CA GLU A 260 -24.89 32.19 12.68
C GLU A 260 -25.94 31.20 12.17
N SER A 261 -27.12 31.70 11.80
CA SER A 261 -28.20 30.85 11.29
C SER A 261 -28.09 30.55 9.77
N GLY A 262 -27.03 31.04 9.11
CA GLY A 262 -26.82 30.78 7.69
C GLY A 262 -27.45 31.79 6.74
N LYS A 263 -27.99 32.88 7.28
CA LYS A 263 -28.61 33.90 6.45
C LYS A 263 -27.54 34.90 5.97
N GLU A 264 -27.64 35.29 4.72
CA GLU A 264 -26.79 36.34 4.15
C GLU A 264 -27.21 37.68 4.73
N VAL A 265 -26.25 38.44 5.27
CA VAL A 265 -26.57 39.72 5.88
C VAL A 265 -25.92 40.91 5.21
N SER A 266 -24.98 40.67 4.29
CA SER A 266 -24.25 41.78 3.68
C SER A 266 -23.45 41.31 2.48
N LEU A 267 -23.46 42.11 1.42
CA LEU A 267 -22.63 41.89 0.24
C LEU A 267 -21.50 42.90 0.29
N VAL A 268 -20.26 42.42 0.37
CA VAL A 268 -19.11 43.34 0.33
C VAL A 268 -18.80 43.78 -1.09
N ASP A 269 -18.05 44.86 -1.21
CA ASP A 269 -17.77 45.48 -2.50
C ASP A 269 -16.71 44.73 -3.27
N ASP A 270 -15.80 44.10 -2.54
CA ASP A 270 -14.56 43.59 -3.08
C ASP A 270 -14.30 42.20 -2.53
N PHE A 271 -14.11 41.22 -3.41
CA PHE A 271 -13.88 39.84 -2.99
C PHE A 271 -12.71 39.69 -2.00
N ASN A 272 -11.65 40.50 -2.16
CA ASN A 272 -10.51 40.46 -1.24
C ASN A 272 -10.90 40.61 0.23
N GLU A 273 -12.02 41.27 0.49
CA GLU A 273 -12.42 41.58 1.86
C GLU A 273 -12.71 40.32 2.67
N LEU A 274 -13.24 39.30 2.00
CA LEU A 274 -13.54 38.05 2.65
C LEU A 274 -12.50 36.96 2.36
N GLU A 275 -11.59 37.22 1.42
CA GLU A 275 -10.44 36.36 1.19
C GLU A 275 -10.81 34.95 0.70
N ARG A 276 -11.95 34.82 0.01
CA ARG A 276 -12.40 33.50 -0.46
C ARG A 276 -12.11 33.31 -1.94
N PHE A 277 -12.42 34.34 -2.73
CA PHE A 277 -12.29 34.23 -4.18
C PHE A 277 -10.80 34.25 -4.53
N PRO A 278 -10.37 33.41 -5.50
CA PRO A 278 -11.15 32.48 -6.30
C PRO A 278 -11.25 31.11 -5.63
N ALA A 279 -12.16 30.28 -6.14
CA ALA A 279 -12.33 28.96 -5.59
C ALA A 279 -11.05 28.15 -5.69
N ASP A 280 -10.73 27.44 -4.62
CA ASP A 280 -9.62 26.52 -4.61
C ASP A 280 -10.03 25.23 -5.31
N VAL A 281 -11.29 24.85 -5.17
CA VAL A 281 -11.86 23.71 -5.89
C VAL A 281 -13.32 23.93 -6.28
N HIS A 282 -13.62 23.86 -7.56
CA HIS A 282 -15.00 23.78 -8.01
C HIS A 282 -15.30 22.31 -8.25
N VAL A 283 -16.25 21.75 -7.49
CA VAL A 283 -16.71 20.38 -7.75
C VAL A 283 -17.86 20.43 -8.75
N ILE A 284 -17.76 19.63 -9.81
CA ILE A 284 -18.82 19.58 -10.82
C ILE A 284 -19.00 18.17 -11.36
N GLY A 285 -20.12 17.96 -12.04
CA GLY A 285 -20.32 16.75 -12.81
C GLY A 285 -19.72 16.96 -14.17
N LYS A 286 -19.47 15.85 -14.88
CA LYS A 286 -18.83 15.89 -16.20
C LYS A 286 -19.73 16.57 -17.22
N ASP A 287 -21.05 16.50 -16.98
CA ASP A 287 -22.00 17.13 -17.89
C ASP A 287 -21.79 18.64 -18.02
N ILE A 288 -21.12 19.28 -17.06
CA ILE A 288 -20.98 20.75 -17.09
C ILE A 288 -19.55 21.28 -17.13
N LEU A 289 -18.68 20.48 -17.71
CA LEU A 289 -17.27 20.82 -17.84
C LEU A 289 -16.99 22.09 -18.65
N LYS A 290 -17.60 22.24 -19.82
CA LYS A 290 -17.26 23.39 -20.68
C LYS A 290 -17.59 24.72 -20.03
N PHE A 291 -18.68 24.76 -19.28
CA PHE A 291 -19.10 26.01 -18.63
C PHE A 291 -18.06 26.47 -17.63
N HIS A 292 -17.49 25.52 -16.91
CA HIS A 292 -16.52 25.80 -15.85
C HIS A 292 -15.07 25.94 -16.28
N ALA A 293 -14.68 25.19 -17.31
CA ALA A 293 -13.29 25.13 -17.75
C ALA A 293 -12.98 25.97 -18.98
N ILE A 294 -14.02 26.43 -19.68
CA ILE A 294 -13.86 27.29 -20.82
C ILE A 294 -14.54 28.64 -20.60
N TYR A 295 -15.87 28.68 -20.43
CA TYR A 295 -16.60 29.96 -20.34
C TYR A 295 -16.21 30.78 -19.10
N TRP A 296 -16.24 30.12 -17.96
CA TRP A 296 -15.99 30.77 -16.68
C TRP A 296 -14.61 31.42 -16.64
N PRO A 297 -13.53 30.66 -16.91
CA PRO A 297 -12.23 31.34 -16.88
C PRO A 297 -12.12 32.46 -17.90
N ALA A 298 -12.81 32.34 -19.04
CA ALA A 298 -12.79 33.41 -20.04
C ALA A 298 -13.49 34.68 -19.53
N PHE A 299 -14.63 34.50 -18.85
CA PHE A 299 -15.33 35.64 -18.22
C PHE A 299 -14.42 36.31 -17.19
N LEU A 300 -13.74 35.50 -16.39
CA LEU A 300 -12.83 36.02 -15.36
C LEU A 300 -11.64 36.76 -15.95
N LEU A 301 -11.09 36.22 -17.05
CA LEU A 301 -9.97 36.88 -17.72
C LEU A 301 -10.41 38.23 -18.28
N SER A 302 -11.57 38.27 -18.92
CA SER A 302 -12.14 39.53 -19.39
C SER A 302 -12.31 40.53 -18.25
N ALA A 303 -12.86 40.08 -17.14
CA ALA A 303 -13.16 40.97 -16.02
C ALA A 303 -11.92 41.35 -15.22
N GLY A 304 -10.82 40.64 -15.42
CA GLY A 304 -9.61 40.90 -14.65
C GLY A 304 -9.67 40.31 -13.25
N LEU A 305 -10.39 39.20 -13.10
CA LEU A 305 -10.56 38.50 -11.81
C LEU A 305 -9.71 37.26 -11.80
N PRO A 306 -9.26 36.82 -10.62
CA PRO A 306 -8.38 35.66 -10.62
C PRO A 306 -9.14 34.38 -10.96
N LEU A 307 -8.40 33.38 -11.44
CA LEU A 307 -9.00 32.14 -11.91
C LEU A 307 -8.97 31.07 -10.82
N PRO A 308 -9.91 30.11 -10.88
CA PRO A 308 -9.93 29.05 -9.88
C PRO A 308 -8.67 28.19 -9.97
N LYS A 309 -8.31 27.54 -8.88
CA LYS A 309 -7.13 26.70 -8.83
C LYS A 309 -7.37 25.31 -9.41
N LYS A 310 -8.49 24.70 -9.04
CA LYS A 310 -8.85 23.37 -9.54
C LYS A 310 -10.33 23.30 -9.87
N ILE A 311 -10.62 22.59 -10.96
CA ILE A 311 -11.96 22.13 -11.27
C ILE A 311 -11.89 20.59 -11.24
N VAL A 312 -12.76 19.94 -10.46
CA VAL A 312 -12.76 18.48 -10.42
C VAL A 312 -14.12 17.97 -10.89
N ALA A 313 -14.09 17.11 -11.90
CA ALA A 313 -15.28 16.66 -12.56
C ALA A 313 -15.45 15.16 -12.39
N HIS A 314 -16.51 14.77 -11.68
CA HIS A 314 -16.77 13.37 -11.40
C HIS A 314 -17.69 12.81 -12.49
N GLY A 315 -17.96 11.50 -12.46
CA GLY A 315 -18.87 10.85 -13.41
C GLY A 315 -20.34 10.78 -13.00
N TRP A 316 -21.16 10.16 -13.84
CA TRP A 316 -22.60 10.07 -13.59
C TRP A 316 -23.02 8.59 -13.45
N TRP A 317 -24.21 8.36 -12.91
CA TRP A 317 -24.47 7.13 -12.16
C TRP A 317 -25.55 6.16 -12.66
N THR A 318 -25.50 4.96 -12.09
CA THR A 318 -26.42 3.87 -12.40
C THR A 318 -26.71 3.06 -11.13
N LYS A 319 -27.91 2.47 -11.06
CA LYS A 319 -28.24 1.52 -9.99
C LYS A 319 -28.54 0.17 -10.61
N ASP A 320 -27.81 -0.86 -10.18
CA ASP A 320 -27.88 -2.20 -10.79
C ASP A 320 -27.53 -2.19 -12.29
N ARG A 321 -26.58 -1.34 -12.66
CA ARG A 321 -26.10 -1.20 -14.04
C ARG A 321 -27.20 -0.71 -15.00
N LYS A 322 -28.07 0.17 -14.50
CA LYS A 322 -29.17 0.75 -15.29
C LYS A 322 -29.36 2.24 -14.94
N LYS A 323 -29.79 3.02 -15.94
CA LYS A 323 -30.05 4.45 -15.76
C LYS A 323 -31.08 4.67 -14.65
N ILE A 324 -30.77 5.58 -13.74
CA ILE A 324 -31.68 5.93 -12.65
C ILE A 324 -32.80 6.84 -13.16
N LEU A 328 -37.70 4.79 -16.63
CA LEU A 328 -38.12 4.85 -15.23
C LEU A 328 -38.24 3.42 -14.67
N GLY A 329 -38.52 3.31 -13.38
CA GLY A 329 -38.62 2.01 -12.70
C GLY A 329 -37.33 1.64 -11.99
N ASN A 330 -36.49 2.63 -11.72
CA ASN A 330 -35.23 2.43 -11.01
C ASN A 330 -34.82 3.68 -10.21
N VAL A 331 -35.11 3.66 -8.91
CA VAL A 331 -34.87 4.80 -8.02
C VAL A 331 -33.69 4.51 -7.10
N PHE A 332 -33.06 5.58 -6.61
CA PHE A 332 -32.10 5.51 -5.52
C PHE A 332 -32.25 6.75 -4.66
N ASP A 333 -33.14 6.68 -3.67
CA ASP A 333 -33.38 7.80 -2.76
C ASP A 333 -32.32 7.79 -1.66
N PRO A 334 -31.47 8.82 -1.61
CA PRO A 334 -30.34 8.81 -0.68
C PRO A 334 -30.74 8.84 0.80
N VAL A 335 -31.77 9.61 1.14
CA VAL A 335 -32.24 9.65 2.53
C VAL A 335 -32.80 8.29 2.96
N GLU A 336 -33.54 7.63 2.08
CA GLU A 336 -34.10 6.32 2.40
C GLU A 336 -33.00 5.27 2.53
N LYS A 337 -31.99 5.34 1.67
CA LYS A 337 -30.85 4.43 1.79
C LYS A 337 -30.07 4.70 3.08
N ALA A 338 -29.93 5.99 3.42
CA ALA A 338 -29.18 6.38 4.61
C ALA A 338 -29.90 5.98 5.90
N GLU A 339 -31.23 6.10 5.91
CA GLU A 339 -32.03 5.61 7.02
C GLU A 339 -31.92 4.07 7.12
N GLU A 340 -31.82 3.42 5.96
CA GLU A 340 -31.67 1.97 5.91
C GLU A 340 -30.29 1.49 6.40
N PHE A 341 -29.21 2.02 5.85
CA PHE A 341 -27.85 1.52 6.12
C PHE A 341 -26.99 2.43 6.98
N GLY A 342 -27.36 3.71 7.11
CA GLY A 342 -26.58 4.67 7.88
C GLY A 342 -26.06 5.81 7.03
N TYR A 343 -26.03 7.00 7.61
CA TYR A 343 -25.60 8.18 6.87
C TYR A 343 -24.12 8.13 6.53
N ASP A 344 -23.27 7.89 7.53
CA ASP A 344 -21.83 7.79 7.25
C ASP A 344 -21.50 6.59 6.35
N ALA A 345 -22.19 5.48 6.57
CA ALA A 345 -22.02 4.28 5.77
C ALA A 345 -22.35 4.54 4.29
N LEU A 346 -23.51 5.14 4.03
CA LEU A 346 -23.89 5.54 2.67
C LEU A 346 -22.88 6.49 2.01
N LYS A 347 -22.40 7.47 2.78
CA LYS A 347 -21.40 8.42 2.28
C LYS A 347 -20.08 7.74 1.94
N TYR A 348 -19.59 6.92 2.85
CA TYR A 348 -18.40 6.10 2.60
C TYR A 348 -18.56 5.32 1.31
N PHE A 349 -19.69 4.64 1.20
CA PHE A 349 -19.94 3.82 0.03
C PHE A 349 -19.86 4.63 -1.27
N LEU A 350 -20.57 5.75 -1.32
CA LEU A 350 -20.58 6.58 -2.52
C LEU A 350 -19.18 7.08 -2.85
N LEU A 351 -18.38 7.39 -1.84
CA LEU A 351 -17.03 7.93 -2.08
C LEU A 351 -16.00 6.85 -2.35
N ARG A 352 -16.22 5.66 -1.82
CA ARG A 352 -15.31 4.54 -2.01
C ARG A 352 -15.54 3.82 -3.33
N GLU A 353 -16.80 3.71 -3.74
CA GLU A 353 -17.17 2.82 -4.83
C GLU A 353 -16.80 3.40 -6.18
N SER A 354 -17.10 4.68 -6.36
CA SER A 354 -16.81 5.38 -7.62
C SER A 354 -15.54 6.21 -7.49
N GLY A 355 -14.74 6.19 -8.55
CA GLY A 355 -13.72 7.19 -8.77
C GLY A 355 -14.29 8.04 -9.89
N PHE A 356 -13.44 8.53 -10.79
CA PHE A 356 -13.91 9.35 -11.90
C PHE A 356 -14.39 8.47 -13.07
N SER A 357 -15.54 7.83 -12.86
CA SER A 357 -16.14 6.95 -13.86
C SER A 357 -17.60 6.61 -13.52
N ASP A 358 -18.30 6.01 -14.48
CA ASP A 358 -19.68 5.56 -14.31
C ASP A 358 -19.74 4.05 -13.97
N ASP A 359 -18.60 3.49 -13.59
CA ASP A 359 -18.42 2.03 -13.48
C ASP A 359 -18.94 1.38 -12.18
N GLY A 360 -19.41 2.21 -11.24
CA GLY A 360 -19.73 1.76 -9.88
C GLY A 360 -20.90 0.80 -9.73
N ASP A 361 -20.69 -0.20 -8.89
CA ASP A 361 -21.71 -1.19 -8.54
C ASP A 361 -22.47 -0.65 -7.31
N TYR A 362 -23.64 -0.08 -7.55
CA TYR A 362 -24.46 0.54 -6.48
C TYR A 362 -25.61 -0.35 -5.98
N SER A 363 -25.53 -1.63 -6.28
CA SER A 363 -26.46 -2.60 -5.74
C SER A 363 -26.45 -2.58 -4.22
N ASP A 364 -27.56 -3.05 -3.63
CA ASP A 364 -27.64 -3.23 -2.19
C ASP A 364 -26.70 -4.35 -1.76
N LYS A 365 -26.45 -5.30 -2.66
CA LYS A 365 -25.49 -6.37 -2.46
C LYS A 365 -24.10 -5.81 -2.24
N ASN A 366 -23.63 -4.97 -3.16
CA ASN A 366 -22.31 -4.39 -3.02
C ASN A 366 -22.20 -3.39 -1.86
N MET A 367 -23.28 -2.66 -1.60
N MET A 367 -23.28 -2.66 -1.60
CA MET A 367 -23.36 -1.77 -0.44
CA MET A 367 -23.34 -1.78 -0.44
C MET A 367 -23.15 -2.55 0.84
C MET A 367 -23.14 -2.55 0.85
N ILE A 368 -23.85 -3.68 0.98
CA ILE A 368 -23.73 -4.55 2.16
C ILE A 368 -22.33 -5.18 2.26
N ALA A 369 -21.78 -5.59 1.13
CA ALA A 369 -20.43 -6.14 1.10
C ALA A 369 -19.38 -5.13 1.63
N ARG A 370 -19.49 -3.87 1.24
CA ARG A 370 -18.56 -2.86 1.75
C ARG A 370 -18.83 -2.49 3.20
N LEU A 371 -20.10 -2.39 3.56
CA LEU A 371 -20.47 -2.13 4.95
C LEU A 371 -19.89 -3.22 5.85
N ASN A 372 -20.21 -4.47 5.54
CA ASN A 372 -19.72 -5.62 6.33
C ASN A 372 -18.22 -5.82 6.27
N GLY A 373 -17.67 -5.80 5.06
CA GLY A 373 -16.26 -6.11 4.84
C GLY A 373 -15.32 -5.03 5.35
N GLU A 374 -15.60 -3.78 5.01
CA GLU A 374 -14.69 -2.68 5.32
C GLU A 374 -15.06 -1.95 6.61
N LEU A 375 -16.30 -1.47 6.72
CA LEU A 375 -16.66 -0.70 7.91
C LEU A 375 -16.82 -1.60 9.15
N ALA A 376 -17.48 -2.73 9.01
CA ALA A 376 -17.70 -3.61 10.15
C ALA A 376 -16.48 -4.49 10.46
N ASP A 377 -16.06 -5.30 9.49
CA ASP A 377 -14.99 -6.27 9.72
C ASP A 377 -13.60 -5.66 9.87
N THR A 378 -13.29 -4.59 9.15
CA THR A 378 -11.95 -4.02 9.22
C THR A 378 -11.82 -2.91 10.26
N LEU A 379 -12.58 -1.83 10.11
CA LEU A 379 -12.54 -0.72 11.07
C LEU A 379 -13.20 -1.05 12.42
N GLY A 380 -14.47 -1.45 12.39
CA GLY A 380 -15.23 -1.68 13.61
C GLY A 380 -14.63 -2.72 14.52
N ASN A 381 -14.34 -3.89 13.96
CA ASN A 381 -13.75 -4.97 14.73
C ASN A 381 -12.46 -4.52 15.42
N LEU A 382 -11.65 -3.76 14.69
CA LEU A 382 -10.41 -3.24 15.23
C LEU A 382 -10.64 -2.30 16.41
N VAL A 383 -11.59 -1.39 16.26
CA VAL A 383 -11.94 -0.46 17.32
C VAL A 383 -12.37 -1.20 18.58
N MET A 384 -13.21 -2.22 18.40
CA MET A 384 -13.67 -3.05 19.52
C MET A 384 -12.55 -3.84 20.18
N ARG A 385 -11.68 -4.44 19.38
CA ARG A 385 -10.53 -5.17 19.91
C ARG A 385 -9.68 -4.34 20.88
N CYS A 386 -9.24 -3.17 20.42
CA CYS A 386 -8.28 -2.37 21.18
C CYS A 386 -8.94 -1.65 22.36
N THR A 387 -10.28 -1.61 22.41
CA THR A 387 -10.99 -1.03 23.55
C THR A 387 -11.61 -2.07 24.46
N SER A 388 -11.64 -3.33 24.04
CA SER A 388 -12.21 -4.42 24.83
C SER A 388 -11.58 -4.50 26.21
N ALA A 389 -12.39 -4.72 27.25
CA ALA A 389 -11.91 -4.91 28.62
C ALA A 389 -11.16 -6.23 28.79
N LYS A 390 -11.43 -7.16 27.89
CA LYS A 390 -10.75 -8.45 27.90
C LYS A 390 -9.31 -8.33 27.38
N ILE A 391 -9.03 -7.31 26.57
CA ILE A 391 -7.71 -7.12 25.99
C ILE A 391 -7.02 -5.93 26.66
N ASN A 392 -7.73 -4.81 26.70
CA ASN A 392 -7.29 -3.59 27.35
C ASN A 392 -7.83 -3.59 28.79
N VAL A 393 -7.23 -4.43 29.63
CA VAL A 393 -7.76 -4.67 30.98
C VAL A 393 -7.87 -3.41 31.85
N ASN A 394 -6.97 -2.45 31.67
CA ASN A 394 -6.99 -1.22 32.47
C ASN A 394 -7.77 -0.05 31.86
N GLY A 395 -8.33 -0.26 30.66
CA GLY A 395 -9.14 0.78 30.00
C GLY A 395 -8.38 2.08 29.78
N GLU A 396 -7.14 1.97 29.32
CA GLU A 396 -6.31 3.15 29.08
C GLU A 396 -5.37 2.92 27.92
N TRP A 397 -4.70 3.98 27.51
CA TRP A 397 -3.59 3.92 26.56
C TRP A 397 -2.34 3.50 27.32
N PRO A 398 -1.82 2.28 27.03
CA PRO A 398 -0.65 1.86 27.77
C PRO A 398 0.61 2.55 27.28
N SER A 399 1.63 2.55 28.13
CA SER A 399 2.96 2.99 27.75
C SER A 399 3.69 1.83 27.06
N PRO A 400 4.17 2.05 25.83
CA PRO A 400 4.78 0.92 25.12
C PRO A 400 6.16 0.58 25.66
N ALA A 401 6.51 -0.70 25.56
CA ALA A 401 7.89 -1.14 25.81
C ALA A 401 8.65 -1.10 24.49
N ALA A 402 9.78 -1.81 24.41
CA ALA A 402 10.61 -1.76 23.20
C ALA A 402 9.89 -2.28 21.95
N TYR A 403 10.14 -1.63 20.82
CA TYR A 403 9.51 -2.00 19.58
C TYR A 403 10.35 -3.07 18.86
N THR A 404 9.69 -4.10 18.33
CA THR A 404 10.34 -5.04 17.44
C THR A 404 10.36 -4.46 16.03
N GLU A 405 11.03 -5.17 15.12
CA GLU A 405 11.05 -4.75 13.73
C GLU A 405 9.67 -4.77 13.10
N GLU A 406 8.87 -5.78 13.42
CA GLU A 406 7.50 -5.85 12.94
C GLU A 406 6.70 -4.65 13.47
N ASP A 407 6.83 -4.37 14.76
CA ASP A 407 6.20 -3.19 15.36
C ASP A 407 6.55 -1.97 14.53
N GLU A 408 7.84 -1.81 14.25
CA GLU A 408 8.30 -0.67 13.50
C GLU A 408 7.79 -0.59 12.08
N SER A 409 7.67 -1.73 11.39
CA SER A 409 7.13 -1.71 10.03
C SER A 409 5.72 -1.13 10.06
N LEU A 410 4.93 -1.52 11.05
CA LEU A 410 3.55 -1.02 11.15
C LEU A 410 3.53 0.48 11.53
N ILE A 411 4.36 0.84 12.50
CA ILE A 411 4.50 2.22 12.91
C ILE A 411 4.84 3.08 11.70
N GLN A 412 5.75 2.60 10.88
CA GLN A 412 6.15 3.34 9.70
C GLN A 412 4.97 3.59 8.77
N LEU A 413 4.13 2.59 8.57
CA LEU A 413 2.97 2.78 7.71
C LEU A 413 2.06 3.85 8.27
N ILE A 414 1.89 3.86 9.59
CA ILE A 414 1.03 4.84 10.22
C ILE A 414 1.59 6.24 10.09
N LYS A 415 2.90 6.38 10.25
CA LYS A 415 3.56 7.67 10.12
C LYS A 415 3.51 8.20 8.71
N ASP A 416 3.57 7.31 7.73
CA ASP A 416 3.53 7.70 6.32
C ASP A 416 2.11 8.07 5.85
N LEU A 417 1.10 7.54 6.53
CA LEU A 417 -0.25 7.66 6.05
C LEU A 417 -0.75 9.11 5.87
N PRO A 418 -0.59 9.98 6.90
CA PRO A 418 -1.05 11.37 6.76
C PRO A 418 -0.54 12.06 5.52
N GLY A 419 0.75 11.91 5.23
CA GLY A 419 1.34 12.51 4.05
C GLY A 419 0.69 12.04 2.75
N THR A 420 0.39 10.74 2.69
CA THR A 420 -0.13 10.13 1.48
C THR A 420 -1.59 10.51 1.30
N ALA A 421 -2.34 10.38 2.38
CA ALA A 421 -3.76 10.72 2.38
C ALA A 421 -3.95 12.21 2.05
N ASP A 422 -3.06 13.05 2.58
CA ASP A 422 -3.09 14.49 2.29
C ASP A 422 -2.96 14.79 0.80
N HIS A 423 -1.94 14.24 0.16
CA HIS A 423 -1.80 14.41 -1.28
C HIS A 423 -3.08 13.98 -2.01
N TYR A 424 -3.65 12.83 -1.65
CA TYR A 424 -4.85 12.36 -2.33
C TYR A 424 -6.03 13.30 -2.13
N TYR A 425 -6.23 13.79 -0.91
CA TYR A 425 -7.28 14.76 -0.65
C TYR A 425 -7.08 16.07 -1.44
N LEU A 426 -5.85 16.41 -1.78
CA LEU A 426 -5.59 17.68 -2.47
C LEU A 426 -5.64 17.59 -3.99
N ILE A 427 -5.65 16.38 -4.54
CA ILE A 427 -5.72 16.22 -5.98
C ILE A 427 -6.94 16.95 -6.58
N PRO A 428 -8.15 16.73 -6.04
CA PRO A 428 -8.58 15.78 -5.02
C PRO A 428 -8.98 14.45 -5.65
N ASP A 429 -8.70 13.37 -4.94
CA ASP A 429 -9.13 12.04 -5.32
C ASP A 429 -9.47 11.37 -4.01
N ILE A 430 -10.73 11.48 -3.61
CA ILE A 430 -11.18 11.02 -2.31
C ILE A 430 -11.13 9.52 -2.20
N GLN A 431 -11.51 8.83 -3.28
CA GLN A 431 -11.43 7.38 -3.33
C GLN A 431 -10.01 6.90 -2.99
N LYS A 432 -9.00 7.49 -3.61
CA LYS A 432 -7.64 7.04 -3.33
C LYS A 432 -7.25 7.27 -1.87
N ALA A 433 -7.72 8.37 -1.29
CA ALA A 433 -7.48 8.66 0.12
C ALA A 433 -8.10 7.59 1.02
N ILE A 434 -9.34 7.21 0.75
CA ILE A 434 -10.00 6.16 1.53
C ILE A 434 -9.26 4.82 1.39
N ILE A 435 -8.93 4.43 0.17
CA ILE A 435 -8.18 3.20 -0.05
C ILE A 435 -6.87 3.22 0.76
N ALA A 436 -6.14 4.32 0.74
CA ALA A 436 -4.88 4.40 1.47
C ALA A 436 -5.10 4.18 2.95
N VAL A 437 -6.13 4.81 3.50
CA VAL A 437 -6.38 4.65 4.93
C VAL A 437 -6.73 3.22 5.24
N PHE A 438 -7.58 2.60 4.42
CA PHE A 438 -7.94 1.21 4.67
C PHE A 438 -6.83 0.20 4.46
N ASP A 439 -5.86 0.51 3.59
CA ASP A 439 -4.69 -0.34 3.45
C ASP A 439 -3.96 -0.38 4.79
N VAL A 440 -3.92 0.75 5.47
CA VAL A 440 -3.32 0.83 6.80
C VAL A 440 -4.18 0.14 7.88
N LEU A 441 -5.51 0.29 7.81
CA LEU A 441 -6.39 -0.48 8.69
C LEU A 441 -6.23 -2.00 8.52
N ARG A 442 -6.11 -2.48 7.28
CA ARG A 442 -5.87 -3.91 7.05
C ARG A 442 -4.53 -4.35 7.65
N ALA A 443 -3.49 -3.54 7.46
CA ALA A 443 -2.19 -3.85 8.03
C ALA A 443 -2.24 -3.93 9.56
N ILE A 444 -2.98 -3.02 10.18
CA ILE A 444 -3.14 -3.04 11.62
C ILE A 444 -3.87 -4.32 12.04
N ASN A 445 -4.94 -4.67 11.33
CA ASN A 445 -5.64 -5.93 11.64
C ASN A 445 -4.72 -7.15 11.59
N ALA A 446 -3.90 -7.22 10.56
CA ALA A 446 -3.03 -8.38 10.35
C ALA A 446 -1.93 -8.43 11.41
N TYR A 447 -1.47 -7.27 11.85
CA TYR A 447 -0.55 -7.19 12.97
C TYR A 447 -1.21 -7.69 14.25
N VAL A 448 -2.43 -7.23 14.49
CA VAL A 448 -3.16 -7.67 15.68
C VAL A 448 -3.39 -9.17 15.66
N THR A 449 -3.80 -9.70 14.52
CA THR A 449 -3.99 -11.15 14.39
C THR A 449 -2.69 -11.91 14.65
N ASP A 450 -1.60 -11.40 14.11
CA ASP A 450 -0.30 -12.01 14.26
C ASP A 450 0.18 -11.97 15.72
N MET A 451 -0.13 -10.90 16.44
CA MET A 451 0.29 -10.77 17.82
C MET A 451 -0.66 -11.44 18.82
N ALA A 452 -1.93 -11.59 18.47
CA ALA A 452 -2.91 -12.25 19.36
C ALA A 452 -2.84 -11.68 20.79
N PRO A 453 -3.09 -10.39 20.94
CA PRO A 453 -3.01 -9.73 22.24
C PRO A 453 -3.90 -10.38 23.31
N TRP A 454 -5.02 -10.98 22.90
CA TRP A 454 -5.88 -11.73 23.84
C TRP A 454 -5.08 -12.79 24.62
N LYS A 455 -4.18 -13.49 23.93
CA LYS A 455 -3.24 -14.39 24.59
C LYS A 455 -2.19 -13.67 25.43
N LEU A 456 -1.73 -12.51 24.96
CA LEU A 456 -0.69 -11.77 25.68
C LEU A 456 -1.11 -11.29 27.07
N VAL A 457 -2.40 -11.07 27.29
CA VAL A 457 -2.89 -10.68 28.62
C VAL A 457 -2.35 -11.60 29.69
N LYS A 458 -2.48 -12.92 29.47
CA LYS A 458 -2.00 -13.92 30.41
C LYS A 458 -0.49 -14.13 30.35
N THR A 459 0.07 -14.02 29.17
CA THR A 459 1.35 -14.64 28.86
C THR A 459 2.54 -13.64 28.87
N ASP A 460 2.34 -12.42 28.37
CA ASP A 460 3.38 -11.38 28.37
C ASP A 460 2.70 -10.01 28.41
N PRO A 461 2.27 -9.60 29.61
CA PRO A 461 1.57 -8.32 29.73
C PRO A 461 2.42 -7.12 29.29
N GLU A 462 3.74 -7.23 29.36
CA GLU A 462 4.61 -6.17 28.89
C GLU A 462 4.50 -6.04 27.39
N ARG A 463 4.66 -7.15 26.67
CA ARG A 463 4.47 -7.15 25.22
C ARG A 463 3.11 -6.58 24.80
N LEU A 464 2.07 -6.93 25.55
CA LEU A 464 0.72 -6.44 25.27
C LEU A 464 0.63 -4.92 25.32
N ARG A 465 1.38 -4.28 26.21
CA ARG A 465 1.40 -2.82 26.29
C ARG A 465 1.80 -2.21 24.95
N THR A 466 2.82 -2.78 24.32
CA THR A 466 3.33 -2.30 23.05
C THR A 466 2.34 -2.53 21.90
N VAL A 467 1.90 -3.77 21.75
CA VAL A 467 0.93 -4.12 20.72
C VAL A 467 -0.30 -3.20 20.83
N LEU A 468 -0.79 -3.09 22.05
CA LEU A 468 -2.01 -2.35 22.32
C LEU A 468 -1.85 -0.85 22.05
N TYR A 469 -0.74 -0.28 22.48
CA TYR A 469 -0.46 1.13 22.18
C TYR A 469 -0.37 1.42 20.68
N ILE A 470 0.32 0.56 19.93
CA ILE A 470 0.47 0.75 18.48
C ILE A 470 -0.88 0.65 17.79
N THR A 471 -1.71 -0.25 18.27
CA THR A 471 -3.02 -0.46 17.69
C THR A 471 -3.92 0.74 17.95
N LEU A 472 -3.96 1.21 19.19
CA LEU A 472 -4.77 2.42 19.51
C LEU A 472 -4.36 3.59 18.64
N GLU A 473 -3.05 3.80 18.52
CA GLU A 473 -2.55 4.93 17.80
C GLU A 473 -2.79 4.82 16.29
N GLY A 474 -2.75 3.61 15.76
CA GLY A 474 -3.10 3.38 14.37
C GLY A 474 -4.58 3.64 14.14
N VAL A 475 -5.43 3.23 15.09
CA VAL A 475 -6.87 3.50 14.97
C VAL A 475 -7.16 5.00 15.05
N ARG A 476 -6.47 5.69 15.95
CA ARG A 476 -6.67 7.12 16.09
C ARG A 476 -6.30 7.89 14.82
N VAL A 477 -5.13 7.60 14.26
CA VAL A 477 -4.67 8.29 13.07
C VAL A 477 -5.56 7.99 11.85
N THR A 478 -5.83 6.72 11.60
CA THR A 478 -6.70 6.35 10.48
C THR A 478 -8.08 7.01 10.61
N THR A 479 -8.62 7.02 11.82
CA THR A 479 -9.92 7.63 12.09
C THR A 479 -9.90 9.14 11.87
N LEU A 480 -8.82 9.80 12.27
CA LEU A 480 -8.70 11.22 12.06
C LEU A 480 -8.75 11.53 10.57
N LEU A 481 -8.03 10.74 9.77
CA LEU A 481 -8.02 10.91 8.32
C LEU A 481 -9.31 10.46 7.65
N LEU A 482 -10.07 9.57 8.26
CA LEU A 482 -11.41 9.21 7.80
C LEU A 482 -12.51 10.14 8.29
N SER A 483 -12.19 11.10 9.17
CA SER A 483 -13.25 11.89 9.80
C SER A 483 -14.01 12.76 8.82
N PRO A 484 -13.38 13.21 7.72
CA PRO A 484 -14.19 13.94 6.72
C PRO A 484 -15.22 13.06 6.01
N ILE A 485 -15.03 11.75 6.05
CA ILE A 485 -15.87 10.81 5.33
C ILE A 485 -16.90 10.18 6.26
N LEU A 486 -16.52 9.99 7.52
CA LEU A 486 -17.37 9.37 8.52
C LEU A 486 -17.43 10.32 9.71
N PRO A 487 -18.01 11.51 9.51
CA PRO A 487 -17.97 12.55 10.53
C PRO A 487 -18.66 12.18 11.85
N ARG A 488 -19.79 11.50 11.82
CA ARG A 488 -20.44 11.09 13.08
C ARG A 488 -19.73 9.92 13.74
N LYS A 489 -19.36 8.91 12.95
CA LYS A 489 -18.73 7.72 13.50
C LYS A 489 -17.32 7.95 14.02
N SER A 490 -16.61 8.90 13.43
CA SER A 490 -15.29 9.24 13.92
C SER A 490 -15.38 9.80 15.34
N VAL A 491 -16.41 10.61 15.60
CA VAL A 491 -16.64 11.13 16.94
C VAL A 491 -16.85 10.01 17.92
N VAL A 492 -17.69 9.04 17.53
CA VAL A 492 -17.96 7.91 18.40
C VAL A 492 -16.66 7.17 18.65
N ILE A 493 -15.90 6.91 17.61
CA ILE A 493 -14.63 6.21 17.78
C ILE A 493 -13.72 6.96 18.73
N PHE A 494 -13.55 8.25 18.51
CA PHE A 494 -12.72 9.06 19.38
C PHE A 494 -13.19 9.05 20.82
N ASP A 495 -14.51 9.04 21.03
CA ASP A 495 -15.07 8.95 22.38
C ASP A 495 -14.73 7.63 23.04
N MET A 496 -14.81 6.53 22.27
CA MET A 496 -14.45 5.21 22.79
C MET A 496 -12.98 5.15 23.16
N LEU A 497 -12.14 5.79 22.35
CA LEU A 497 -10.71 5.78 22.61
C LEU A 497 -10.32 6.76 23.70
N GLY A 498 -11.23 7.67 24.04
CA GLY A 498 -10.97 8.68 25.06
C GLY A 498 -10.03 9.77 24.57
N VAL A 499 -10.03 10.02 23.26
CA VAL A 499 -9.19 11.08 22.67
C VAL A 499 -9.73 12.45 23.04
N PRO A 500 -8.94 13.27 23.75
CA PRO A 500 -9.44 14.62 24.08
C PRO A 500 -9.79 15.45 22.83
N GLU A 501 -10.77 16.36 22.96
CA GLU A 501 -11.23 17.18 21.83
C GLU A 501 -10.09 17.79 21.06
N VAL A 502 -9.12 18.36 21.77
CA VAL A 502 -8.03 19.09 21.15
C VAL A 502 -7.26 18.24 20.16
N HIS A 503 -7.19 16.94 20.43
CA HIS A 503 -6.44 16.01 19.59
C HIS A 503 -7.23 15.46 18.41
N ARG A 504 -8.47 15.94 18.22
CA ARG A 504 -9.32 15.44 17.13
C ARG A 504 -9.22 16.24 15.83
N LYS A 505 -8.38 17.29 15.80
CA LYS A 505 -8.12 18.01 14.57
C LYS A 505 -6.75 18.66 14.66
N GLY A 506 -6.28 19.23 13.55
CA GLY A 506 -5.01 19.93 13.53
C GLY A 506 -3.89 19.02 13.03
N ILE A 507 -3.00 19.57 12.19
CA ILE A 507 -1.92 18.75 11.63
C ILE A 507 -0.95 18.27 12.71
N GLU A 508 -0.87 19.00 13.82
CA GLU A 508 -0.14 18.53 14.99
C GLU A 508 -0.52 17.10 15.30
N ASN A 509 -1.80 16.76 15.15
CA ASN A 509 -2.31 15.45 15.54
C ASN A 509 -2.30 14.37 14.44
N PHE A 510 -1.77 14.71 13.27
CA PHE A 510 -1.41 13.72 12.25
C PHE A 510 -0.19 12.89 12.71
N GLU A 511 0.56 13.45 13.66
CA GLU A 511 1.77 12.87 14.23
C GLU A 511 1.50 11.62 15.06
N PHE A 512 2.33 10.60 14.84
CA PHE A 512 2.33 9.39 15.65
C PHE A 512 2.74 9.79 17.06
N GLY A 513 1.93 9.41 18.05
CA GLY A 513 2.24 9.63 19.45
C GLY A 513 1.63 10.87 20.07
N ALA A 514 0.61 11.43 19.45
CA ALA A 514 0.01 12.69 19.91
C ALA A 514 -0.80 12.52 21.20
N VAL A 515 -1.37 11.34 21.40
CA VAL A 515 -2.12 11.06 22.63
C VAL A 515 -1.23 10.33 23.64
N PRO A 516 -1.10 10.88 24.85
CA PRO A 516 -0.17 10.29 25.79
C PRO A 516 -0.62 8.96 26.42
N PRO A 517 0.34 8.11 26.77
CA PRO A 517 0.01 6.96 27.58
C PRO A 517 -0.59 7.41 28.92
N GLY A 518 -1.57 6.65 29.41
CA GLY A 518 -2.29 7.03 30.61
C GLY A 518 -3.66 7.63 30.30
N THR A 519 -3.85 8.13 29.08
CA THR A 519 -5.16 8.58 28.64
C THR A 519 -6.21 7.48 28.84
N ARG A 520 -7.32 7.83 29.47
CA ARG A 520 -8.35 6.84 29.79
C ARG A 520 -9.30 6.68 28.62
N LEU A 521 -9.79 5.47 28.42
CA LEU A 521 -10.80 5.22 27.40
C LEU A 521 -12.13 5.80 27.84
N GLY A 522 -13.05 5.97 26.89
CA GLY A 522 -14.37 6.45 27.20
C GLY A 522 -15.16 5.34 27.87
N PRO A 523 -16.33 5.68 28.42
CA PRO A 523 -17.11 4.61 29.04
C PRO A 523 -17.62 3.61 28.01
N ALA A 524 -17.80 2.37 28.43
CA ALA A 524 -18.35 1.33 27.59
C ALA A 524 -19.86 1.32 27.81
N VAL A 525 -20.63 1.45 26.73
CA VAL A 525 -22.09 1.33 26.79
C VAL A 525 -22.47 -0.15 26.70
N GLU A 526 -23.65 -0.51 27.21
CA GLU A 526 -24.10 -1.92 27.26
C GLU A 526 -23.96 -2.67 25.92
N GLY A 527 -24.76 -2.31 24.93
CA GLY A 527 -24.78 -3.02 23.64
C GLY A 527 -23.98 -2.32 22.56
N GLU A 528 -22.77 -1.87 22.88
CA GLU A 528 -21.92 -1.13 21.94
C GLU A 528 -21.79 -1.87 20.61
N VAL A 529 -22.08 -1.16 19.52
CA VAL A 529 -21.95 -1.71 18.18
C VAL A 529 -21.78 -0.53 17.22
N LEU A 530 -20.58 -0.43 16.65
CA LEU A 530 -20.19 0.73 15.83
C LEU A 530 -20.81 0.67 14.43
N PHE A 531 -20.54 -0.42 13.71
CA PHE A 531 -21.23 -0.73 12.46
C PHE A 531 -21.86 -2.11 12.56
N SER A 532 -23.18 -2.16 12.41
CA SER A 532 -23.92 -3.41 12.51
C SER A 532 -23.89 -4.15 11.19
N LYS A 533 -23.38 -5.38 11.17
CA LYS A 533 -23.39 -6.19 9.96
C LYS A 533 -24.82 -6.45 9.52
N ARG A 534 -25.08 -6.38 8.22
CA ARG A 534 -26.43 -6.62 7.68
C ARG A 534 -26.49 -7.98 7.01
N SER A 535 -27.68 -8.57 6.98
CA SER A 535 -27.90 -9.85 6.33
C SER A 535 -27.68 -9.71 4.82
N THR A 536 -26.99 -10.68 4.23
CA THR A 536 -26.74 -10.69 2.77
C THR A 536 -28.05 -11.03 2.04
N GLU A 537 -28.78 -9.98 1.66
CA GLU A 537 -30.12 -10.11 1.10
C GLU A 537 -30.57 -8.77 0.50
N GLY B 1 9.33 7.72 5.30
CA GLY B 1 10.41 8.16 6.23
C GLY B 1 11.66 7.33 6.06
N PRO B 2 12.74 7.67 6.78
CA PRO B 2 13.98 6.90 6.63
C PRO B 2 13.85 5.48 7.17
N GLY B 3 14.63 4.57 6.63
CA GLY B 3 14.75 3.26 7.22
C GLY B 3 15.79 3.24 8.31
N SER B 4 16.21 2.04 8.69
CA SER B 4 17.23 1.89 9.69
C SER B 4 18.57 2.21 9.04
N MET B 5 19.51 2.69 9.84
CA MET B 5 20.83 3.00 9.30
C MET B 5 21.61 1.71 9.16
N LYS B 6 22.78 1.80 8.54
CA LYS B 6 23.64 0.62 8.39
C LYS B 6 24.10 0.08 9.75
N VAL B 7 24.24 -1.24 9.84
CA VAL B 7 24.89 -1.83 10.99
C VAL B 7 26.36 -1.44 10.97
N GLU B 8 26.98 -1.40 12.15
CA GLU B 8 28.40 -1.13 12.27
C GLU B 8 29.26 -2.40 12.01
N LYS B 9 28.76 -3.56 12.42
CA LYS B 9 29.50 -4.81 12.25
C LYS B 9 29.38 -5.32 10.84
N VAL B 10 29.92 -6.50 10.57
CA VAL B 10 29.64 -7.20 9.34
C VAL B 10 28.34 -7.97 9.53
N PHE B 11 27.37 -7.74 8.65
CA PHE B 11 26.07 -8.37 8.72
C PHE B 11 26.25 -9.86 8.40
N PHE B 12 25.91 -10.71 9.36
CA PHE B 12 26.21 -12.12 9.28
C PHE B 12 24.88 -12.84 9.17
N VAL B 13 24.68 -13.50 8.02
CA VAL B 13 23.47 -14.28 7.74
C VAL B 13 23.83 -15.68 7.30
N THR B 14 23.07 -16.66 7.78
CA THR B 14 23.39 -18.07 7.58
C THR B 14 22.19 -18.87 7.09
N SER B 15 22.47 -20.03 6.50
CA SER B 15 21.49 -21.05 6.24
C SER B 15 21.85 -22.23 7.13
N PRO B 16 20.97 -23.22 7.26
CA PRO B 16 21.41 -24.41 7.95
C PRO B 16 22.51 -25.04 7.12
N ILE B 17 23.23 -25.99 7.70
CA ILE B 17 24.12 -26.81 6.92
C ILE B 17 23.35 -28.07 6.59
N TYR B 18 23.56 -28.62 5.41
CA TYR B 18 22.67 -29.63 4.87
C TYR B 18 23.27 -31.02 4.95
N TYR B 19 22.47 -32.02 5.26
CA TYR B 19 23.00 -33.37 5.49
C TYR B 19 23.30 -34.11 4.20
N VAL B 20 24.53 -34.62 4.08
CA VAL B 20 25.02 -35.18 2.81
C VAL B 20 24.56 -36.61 2.50
N ASN B 21 23.60 -37.13 3.25
CA ASN B 21 22.98 -38.42 2.89
C ASN B 21 21.88 -38.27 1.84
N ALA B 22 21.65 -37.04 1.36
CA ALA B 22 20.74 -36.80 0.25
C ALA B 22 21.31 -35.75 -0.69
N ALA B 23 20.88 -35.80 -1.94
CA ALA B 23 21.27 -34.82 -2.94
C ALA B 23 20.51 -33.52 -2.67
N PRO B 24 21.04 -32.39 -3.16
CA PRO B 24 20.34 -31.13 -2.97
C PRO B 24 18.91 -31.19 -3.53
N HIS B 25 17.97 -30.57 -2.84
CA HIS B 25 16.58 -30.52 -3.28
C HIS B 25 15.99 -29.14 -2.96
N ILE B 26 14.71 -28.98 -3.25
CA ILE B 26 14.02 -27.70 -3.15
C ILE B 26 14.15 -27.07 -1.77
N GLY B 27 14.04 -27.87 -0.72
CA GLY B 27 14.19 -27.39 0.65
C GLY B 27 15.50 -26.67 0.91
N HIS B 28 16.60 -27.31 0.55
CA HIS B 28 17.93 -26.68 0.67
C HIS B 28 18.05 -25.45 -0.21
N VAL B 29 17.53 -25.55 -1.43
CA VAL B 29 17.63 -24.45 -2.38
C VAL B 29 16.89 -23.23 -1.85
N TYR B 30 15.72 -23.51 -1.26
CA TYR B 30 14.87 -22.47 -0.69
C TYR B 30 15.46 -21.76 0.54
N SER B 31 15.99 -22.52 1.49
CA SER B 31 16.63 -21.92 2.68
C SER B 31 17.80 -21.05 2.28
N THR B 32 18.61 -21.55 1.35
CA THR B 32 19.76 -20.82 0.88
C THR B 32 19.40 -19.61 0.02
N LEU B 33 18.31 -19.68 -0.75
CA LEU B 33 17.80 -18.49 -1.45
C LEU B 33 17.48 -17.34 -0.48
N ILE B 34 16.82 -17.67 0.64
CA ILE B 34 16.43 -16.64 1.60
C ILE B 34 17.69 -15.99 2.21
N THR B 35 18.63 -16.85 2.59
CA THR B 35 19.94 -16.43 3.05
C THR B 35 20.58 -15.52 2.02
N ASP B 36 20.58 -15.96 0.77
CA ASP B 36 21.17 -15.17 -0.30
C ASP B 36 20.52 -13.79 -0.44
N VAL B 37 19.20 -13.77 -0.39
CA VAL B 37 18.44 -12.53 -0.59
C VAL B 37 18.71 -11.52 0.53
N ILE B 38 18.69 -12.00 1.77
CA ILE B 38 18.98 -11.15 2.90
C ILE B 38 20.39 -10.58 2.75
N GLY B 39 21.33 -11.43 2.40
CA GLY B 39 22.70 -11.01 2.17
C GLY B 39 22.78 -9.94 1.10
N ARG B 40 22.08 -10.17 0.00
CA ARG B 40 22.11 -9.23 -1.10
C ARG B 40 21.51 -7.89 -0.71
N TYR B 41 20.41 -7.92 0.06
CA TYR B 41 19.79 -6.67 0.45
C TYR B 41 20.78 -5.84 1.25
N HIS B 42 21.49 -6.49 2.15
CA HIS B 42 22.42 -5.75 2.99
C HIS B 42 23.64 -5.26 2.20
N ARG B 43 24.09 -6.01 1.21
CA ARG B 43 25.13 -5.52 0.30
C ARG B 43 24.67 -4.30 -0.48
N VAL B 44 23.46 -4.35 -1.02
CA VAL B 44 22.90 -3.24 -1.78
C VAL B 44 22.69 -1.99 -0.91
N LYS B 45 22.38 -2.22 0.36
CA LYS B 45 22.27 -1.14 1.34
C LYS B 45 23.62 -0.55 1.66
N GLY B 46 24.69 -1.26 1.32
CA GLY B 46 26.05 -0.78 1.47
C GLY B 46 26.71 -1.20 2.75
N GLU B 47 26.26 -2.30 3.33
CA GLU B 47 26.89 -2.85 4.52
C GLU B 47 27.90 -3.89 4.09
N ARG B 48 28.87 -4.16 4.95
CA ARG B 48 29.70 -5.35 4.79
C ARG B 48 28.85 -6.55 5.18
N VAL B 49 28.99 -7.63 4.42
CA VAL B 49 28.15 -8.82 4.56
C VAL B 49 28.98 -10.09 4.47
N PHE B 50 28.65 -11.05 5.33
CA PHE B 50 29.18 -12.41 5.24
C PHE B 50 28.01 -13.35 5.30
N ALA B 51 27.78 -14.06 4.19
CA ALA B 51 26.69 -15.01 4.07
C ALA B 51 27.28 -16.40 4.01
N LEU B 52 26.76 -17.29 4.83
CA LEU B 52 27.32 -18.60 5.01
C LEU B 52 26.28 -19.66 4.74
N THR B 53 26.72 -20.74 4.11
CA THR B 53 25.94 -21.98 3.99
C THR B 53 26.92 -23.14 4.09
N GLY B 54 26.43 -24.37 3.99
CA GLY B 54 27.35 -25.50 3.98
C GLY B 54 26.77 -26.88 4.19
N THR B 55 27.64 -27.83 4.55
CA THR B 55 27.25 -29.21 4.70
C THR B 55 27.65 -29.85 6.01
N ASP B 56 26.75 -30.70 6.49
CA ASP B 56 26.85 -31.48 7.73
C ASP B 56 27.25 -32.88 7.27
N GLU B 57 28.46 -33.31 7.63
CA GLU B 57 29.09 -34.45 6.97
C GLU B 57 29.37 -35.69 7.83
N HIS B 58 29.14 -35.61 9.13
CA HIS B 58 29.48 -36.72 10.05
C HIS B 58 28.27 -37.57 10.40
N GLY B 59 28.51 -38.69 11.07
CA GLY B 59 27.44 -39.50 11.58
C GLY B 59 27.31 -40.84 10.90
N GLN B 60 26.61 -41.74 11.58
CA GLN B 60 26.47 -43.10 11.11
C GLN B 60 25.83 -43.20 9.71
N LYS B 61 24.85 -42.34 9.42
CA LYS B 61 24.10 -42.45 8.17
C LYS B 61 24.95 -42.10 6.94
N VAL B 62 25.87 -41.15 7.10
CA VAL B 62 26.82 -40.83 6.07
C VAL B 62 27.78 -42.00 5.83
N ALA B 63 28.33 -42.56 6.91
CA ALA B 63 29.19 -43.73 6.80
C ALA B 63 28.45 -44.92 6.20
N GLU B 64 27.21 -45.12 6.60
CA GLU B 64 26.40 -46.19 6.03
C GLU B 64 26.17 -45.95 4.54
N ALA B 65 25.89 -44.71 4.15
CA ALA B 65 25.67 -44.39 2.74
C ALA B 65 26.92 -44.64 1.90
N ALA B 66 28.07 -44.19 2.42
CA ALA B 66 29.38 -44.44 1.80
C ALA B 66 29.65 -45.94 1.60
N LYS B 67 29.44 -46.72 2.66
CA LYS B 67 29.62 -48.17 2.61
C LYS B 67 28.76 -48.82 1.53
N GLN B 68 27.50 -48.38 1.39
CA GLN B 68 26.60 -48.86 0.34
C GLN B 68 27.13 -48.52 -1.06
N LYS B 69 27.58 -47.28 -1.26
CA LYS B 69 28.22 -46.86 -2.53
C LYS B 69 29.66 -47.38 -2.68
N GLN B 70 30.15 -48.08 -1.67
CA GLN B 70 31.46 -48.75 -1.71
C GLN B 70 32.63 -47.78 -1.92
N VAL B 71 32.53 -46.60 -1.30
CA VAL B 71 33.60 -45.62 -1.33
C VAL B 71 33.92 -45.21 0.10
N SER B 72 35.06 -44.57 0.34
CA SER B 72 35.36 -44.08 1.68
C SER B 72 34.41 -42.93 2.07
N PRO B 73 34.14 -42.76 3.36
CA PRO B 73 33.33 -41.61 3.78
C PRO B 73 33.91 -40.24 3.37
N TYR B 74 35.23 -40.12 3.35
CA TYR B 74 35.91 -38.90 2.89
C TYR B 74 35.53 -38.58 1.44
N ASP B 75 35.59 -39.59 0.58
CA ASP B 75 35.26 -39.43 -0.83
C ASP B 75 33.77 -39.17 -1.02
N PHE B 76 32.94 -39.90 -0.28
CA PHE B 76 31.50 -39.74 -0.36
C PHE B 76 31.12 -38.31 0.00
N THR B 77 31.57 -37.84 1.16
CA THR B 77 31.23 -36.49 1.61
C THR B 77 31.78 -35.41 0.69
N THR B 78 33.00 -35.57 0.17
CA THR B 78 33.58 -34.59 -0.74
C THR B 78 32.75 -34.50 -2.02
N ALA B 79 32.33 -35.65 -2.53
CA ALA B 79 31.51 -35.70 -3.74
C ALA B 79 30.16 -34.99 -3.56
N VAL B 80 29.47 -35.30 -2.47
CA VAL B 80 28.15 -34.74 -2.22
C VAL B 80 28.24 -33.25 -1.92
N ALA B 81 29.23 -32.85 -1.12
CA ALA B 81 29.47 -31.42 -0.90
C ALA B 81 29.68 -30.68 -2.23
N GLY B 82 30.33 -31.35 -3.18
CA GLY B 82 30.48 -30.86 -4.54
C GLY B 82 29.17 -30.68 -5.27
N GLU B 83 28.25 -31.64 -5.14
CA GLU B 83 26.90 -31.51 -5.69
C GLU B 83 26.20 -30.27 -5.15
N PHE B 84 26.29 -30.03 -3.84
CA PHE B 84 25.63 -28.86 -3.25
C PHE B 84 26.23 -27.57 -3.80
N LYS B 85 27.56 -27.49 -3.82
CA LYS B 85 28.24 -26.32 -4.33
C LYS B 85 27.86 -26.01 -5.77
N LYS B 86 27.81 -27.05 -6.59
CA LYS B 86 27.42 -26.92 -7.99
C LYS B 86 25.98 -26.42 -8.10
N CYS B 87 25.11 -26.96 -7.27
CA CYS B 87 23.72 -26.55 -7.25
C CYS B 87 23.59 -25.06 -6.96
N PHE B 88 24.28 -24.58 -5.94
CA PHE B 88 24.19 -23.18 -5.54
C PHE B 88 24.86 -22.25 -6.53
N GLU B 89 25.90 -22.72 -7.23
CA GLU B 89 26.46 -21.98 -8.37
C GLU B 89 25.42 -21.89 -9.48
N GLN B 90 24.84 -23.02 -9.85
CA GLN B 90 23.79 -23.06 -10.87
C GLN B 90 22.64 -22.13 -10.54
N MET B 91 22.19 -22.14 -9.29
CA MET B 91 21.13 -21.26 -8.82
C MET B 91 21.52 -19.78 -8.79
N ASP B 92 22.81 -19.49 -8.93
CA ASP B 92 23.32 -18.13 -9.04
C ASP B 92 23.21 -17.39 -7.70
N TYR B 93 23.52 -18.09 -6.62
CA TYR B 93 23.61 -17.45 -5.32
C TYR B 93 24.94 -16.72 -5.20
N SER B 94 25.02 -15.87 -4.20
CA SER B 94 26.24 -15.13 -3.93
C SER B 94 26.58 -15.30 -2.45
N ILE B 95 26.76 -16.55 -2.05
CA ILE B 95 27.13 -16.88 -0.69
C ILE B 95 28.64 -16.73 -0.56
N ASP B 96 29.09 -16.16 0.55
CA ASP B 96 30.50 -15.85 0.75
C ASP B 96 31.35 -17.07 1.13
N TYR B 97 30.82 -17.99 1.92
CA TYR B 97 31.59 -19.16 2.27
C TYR B 97 30.70 -20.41 2.37
N PHE B 98 31.27 -21.53 1.95
CA PHE B 98 30.60 -22.82 2.01
C PHE B 98 31.40 -23.69 2.98
N ILE B 99 30.84 -23.90 4.17
CA ILE B 99 31.57 -24.59 5.22
C ILE B 99 31.21 -26.08 5.20
N ARG B 100 32.21 -26.92 5.47
CA ARG B 100 32.04 -28.37 5.58
C ARG B 100 32.51 -28.81 6.95
N THR B 101 31.71 -29.65 7.62
CA THR B 101 32.05 -30.00 9.01
C THR B 101 33.26 -30.92 9.12
N THR B 102 33.73 -31.46 8.00
CA THR B 102 34.97 -32.21 7.95
C THR B 102 36.19 -31.29 7.96
N ASN B 103 35.96 -29.98 7.85
CA ASN B 103 37.08 -29.05 7.83
C ASN B 103 37.83 -29.07 9.17
N GLU B 104 39.16 -29.04 9.09
CA GLU B 104 40.00 -29.09 10.28
C GLU B 104 39.79 -27.90 11.19
N GLN B 105 39.58 -26.70 10.63
CA GLN B 105 39.35 -25.54 11.49
C GLN B 105 38.03 -25.63 12.24
N HIS B 106 36.99 -26.15 11.59
CA HIS B 106 35.72 -26.38 12.27
C HIS B 106 35.89 -27.34 13.45
N LYS B 107 36.63 -28.42 13.24
CA LYS B 107 36.87 -29.36 14.33
C LYS B 107 37.64 -28.71 15.48
N ALA B 108 38.59 -27.83 15.18
CA ALA B 108 39.28 -27.04 16.22
C ALA B 108 38.31 -26.19 17.06
N VAL B 109 37.40 -25.52 16.38
CA VAL B 109 36.41 -24.69 17.05
C VAL B 109 35.44 -25.55 17.88
N VAL B 110 35.00 -26.69 17.33
CA VAL B 110 34.12 -27.59 18.07
C VAL B 110 34.78 -28.04 19.37
N LYS B 111 36.07 -28.33 19.31
CA LYS B 111 36.81 -28.74 20.50
C LYS B 111 36.99 -27.62 21.51
N GLU B 112 37.24 -26.41 21.03
CA GLU B 112 37.29 -25.25 21.91
C GLU B 112 35.98 -25.06 22.64
N LEU B 113 34.88 -25.13 21.89
CA LEU B 113 33.57 -24.89 22.46
C LEU B 113 33.22 -26.00 23.44
N TRP B 114 33.42 -27.24 23.03
CA TRP B 114 33.23 -28.37 23.92
C TRP B 114 33.99 -28.14 25.22
N THR B 115 35.27 -27.82 25.10
CA THR B 115 36.14 -27.76 26.28
C THR B 115 35.68 -26.65 27.24
N LYS B 116 35.32 -25.51 26.67
CA LYS B 116 34.77 -24.40 27.43
C LYS B 116 33.53 -24.82 28.23
N LEU B 117 32.58 -25.48 27.58
CA LEU B 117 31.34 -25.94 28.24
C LEU B 117 31.66 -26.91 29.36
N GLU B 118 32.58 -27.83 29.07
CA GLU B 118 33.01 -28.82 30.05
C GLU B 118 33.67 -28.15 31.24
N GLN B 119 34.52 -27.17 30.99
CA GLN B 119 35.24 -26.47 32.05
C GLN B 119 34.30 -25.63 32.92
N LYS B 120 33.25 -25.08 32.30
CA LYS B 120 32.20 -24.37 33.02
C LYS B 120 31.31 -25.28 33.88
N GLY B 121 31.44 -26.61 33.72
CA GLY B 121 30.61 -27.57 34.41
C GLY B 121 29.24 -27.78 33.78
N ASP B 122 29.06 -27.35 32.54
CA ASP B 122 27.77 -27.51 31.87
C ASP B 122 27.70 -28.77 31.02
N ILE B 123 28.86 -29.38 30.75
CA ILE B 123 28.92 -30.76 30.23
C ILE B 123 29.55 -31.61 31.31
N TYR B 124 28.95 -32.77 31.59
CA TYR B 124 29.48 -33.73 32.56
C TYR B 124 29.41 -35.13 31.99
N LEU B 125 30.25 -36.02 32.49
CA LEU B 125 30.30 -37.39 32.05
C LEU B 125 29.58 -38.28 33.09
N GLY B 126 28.68 -39.13 32.64
CA GLY B 126 28.01 -40.07 33.52
C GLY B 126 27.67 -41.34 32.79
N ARG B 127 27.35 -42.38 33.53
CA ARG B 127 26.97 -43.64 32.95
C ARG B 127 25.45 -43.68 32.78
N TYR B 128 25.00 -43.88 31.55
CA TYR B 128 23.57 -44.03 31.26
C TYR B 128 23.18 -45.50 31.24
N GLU B 129 22.11 -45.86 31.94
CA GLU B 129 21.53 -47.23 31.84
C GLU B 129 20.04 -47.15 31.50
N GLY B 130 19.68 -47.76 30.36
CA GLY B 130 18.33 -47.66 29.80
C GLY B 130 18.28 -47.90 28.31
N TRP B 131 17.16 -47.56 27.70
CA TRP B 131 16.90 -47.87 26.29
C TRP B 131 17.51 -46.86 25.32
N TYR B 132 17.85 -47.35 24.12
CA TYR B 132 18.40 -46.53 23.02
C TYR B 132 17.92 -47.06 21.67
N SER B 133 17.42 -46.18 20.81
CA SER B 133 17.11 -46.53 19.41
C SER B 133 18.30 -46.21 18.51
N ILE B 134 18.87 -47.25 17.90
CA ILE B 134 20.04 -47.09 17.03
C ILE B 134 19.65 -46.31 15.77
N SER B 135 18.58 -46.72 15.10
CA SER B 135 18.20 -46.06 13.84
C SER B 135 17.69 -44.62 14.05
N ASP B 136 17.03 -44.36 15.19
CA ASP B 136 16.58 -43.00 15.52
C ASP B 136 17.67 -42.19 16.19
N GLU B 137 18.76 -42.85 16.57
CA GLU B 137 19.91 -42.19 17.21
C GLU B 137 19.49 -41.48 18.50
N SER B 138 18.52 -42.06 19.23
CA SER B 138 17.90 -41.45 20.41
C SER B 138 17.91 -42.34 21.64
N PHE B 139 18.14 -41.75 22.79
CA PHE B 139 17.86 -42.39 24.07
C PHE B 139 16.36 -42.29 24.34
N LEU B 140 15.79 -43.30 24.99
CA LEU B 140 14.36 -43.37 25.20
C LEU B 140 14.09 -43.78 26.64
N THR B 141 13.10 -43.15 27.27
CA THR B 141 12.70 -43.48 28.64
C THR B 141 11.81 -44.72 28.60
N PRO B 142 11.70 -45.44 29.74
CA PRO B 142 10.89 -46.67 29.77
C PRO B 142 9.44 -46.50 29.28
N GLN B 143 8.85 -45.32 29.47
CA GLN B 143 7.47 -45.06 29.04
C GLN B 143 7.34 -44.94 27.53
N ASN B 144 8.41 -44.52 26.86
CA ASN B 144 8.39 -44.30 25.40
C ASN B 144 8.68 -45.57 24.59
N ILE B 145 8.51 -46.75 25.19
CA ILE B 145 8.66 -48.01 24.48
C ILE B 145 7.50 -48.97 24.77
N THR B 146 7.22 -49.84 23.80
CA THR B 146 6.32 -50.97 24.00
C THR B 146 6.81 -52.16 23.17
N ASP B 147 6.10 -53.28 23.24
CA ASP B 147 6.53 -54.51 22.58
C ASP B 147 6.35 -54.47 21.06
N GLY B 148 7.08 -55.34 20.38
CA GLY B 148 7.06 -55.43 18.92
C GLY B 148 7.98 -56.53 18.43
N VAL B 149 8.19 -56.57 17.12
CA VAL B 149 8.93 -57.66 16.47
C VAL B 149 10.19 -57.12 15.78
N ASP B 150 11.25 -57.94 15.75
CA ASP B 150 12.57 -57.49 15.27
C ASP B 150 12.64 -57.45 13.75
N LYS B 157 10.62 -54.95 21.87
CA LYS B 157 11.55 -53.85 22.08
C LYS B 157 11.45 -52.83 20.95
N VAL B 158 10.51 -51.90 21.05
CA VAL B 158 10.25 -50.95 19.96
C VAL B 158 9.86 -49.56 20.49
N SER B 159 10.31 -48.52 19.78
CA SER B 159 9.92 -47.14 20.09
C SER B 159 8.43 -46.92 19.83
N LEU B 160 7.81 -46.05 20.62
CA LEU B 160 6.39 -45.72 20.45
C LEU B 160 6.16 -44.69 19.34
N GLU B 161 7.05 -43.70 19.25
CA GLU B 161 6.96 -42.64 18.24
C GLU B 161 7.28 -43.19 16.84
N SER B 162 8.53 -43.60 16.63
CA SER B 162 8.89 -44.39 15.46
C SER B 162 8.57 -45.83 15.80
N GLY B 163 8.73 -46.75 14.85
CA GLY B 163 8.45 -48.16 15.11
C GLY B 163 9.71 -48.99 15.24
N HIS B 164 10.87 -48.33 15.37
CA HIS B 164 12.15 -49.03 15.27
C HIS B 164 12.55 -49.72 16.57
N VAL B 165 13.49 -50.66 16.44
CA VAL B 165 13.91 -51.50 17.56
C VAL B 165 14.79 -50.74 18.55
N VAL B 166 14.47 -50.88 19.83
CA VAL B 166 15.26 -50.27 20.92
C VAL B 166 16.13 -51.34 21.57
N THR B 167 17.30 -50.93 22.05
CA THR B 167 18.20 -51.82 22.77
C THR B 167 18.48 -51.22 24.15
N TRP B 168 18.62 -52.09 25.15
CA TRP B 168 19.12 -51.69 26.45
C TRP B 168 20.63 -51.55 26.36
N VAL B 169 21.16 -50.43 26.82
CA VAL B 169 22.61 -50.18 26.85
C VAL B 169 23.09 -49.64 28.20
N SER B 170 24.36 -49.91 28.50
CA SER B 170 25.04 -49.32 29.65
C SER B 170 26.36 -48.67 29.19
N GLU B 171 26.40 -47.35 29.15
CA GLU B 171 27.51 -46.62 28.51
C GLU B 171 27.79 -45.33 29.20
N GLU B 172 29.06 -44.99 29.34
CA GLU B 172 29.44 -43.60 29.67
C GLU B 172 28.96 -42.71 28.54
N ASN B 173 28.47 -41.52 28.88
CA ASN B 173 27.92 -40.57 27.93
C ASN B 173 28.04 -39.13 28.44
N TYR B 174 28.24 -38.19 27.53
CA TYR B 174 28.37 -36.79 27.90
C TYR B 174 27.03 -36.10 27.74
N MET B 175 26.62 -35.40 28.80
CA MET B 175 25.36 -34.67 28.86
C MET B 175 25.67 -33.18 29.03
N PHE B 176 24.96 -32.37 28.25
CA PHE B 176 24.88 -30.94 28.47
C PHE B 176 23.67 -30.62 29.37
N ARG B 177 23.91 -29.84 30.42
CA ARG B 177 22.91 -29.54 31.42
C ARG B 177 21.95 -28.46 30.98
N LEU B 178 21.25 -28.75 29.89
CA LEU B 178 20.28 -27.84 29.29
C LEU B 178 19.16 -27.42 30.25
N SER B 179 18.77 -28.30 31.17
CA SER B 179 17.73 -27.97 32.14
C SER B 179 18.05 -26.73 32.97
N ALA B 180 19.33 -26.49 33.22
CA ALA B 180 19.75 -25.33 34.00
C ALA B 180 19.65 -24.00 33.23
N PHE B 181 19.31 -24.03 31.96
CA PHE B 181 19.25 -22.79 31.14
C PHE B 181 17.84 -22.28 30.89
N ARG B 182 16.84 -22.98 31.41
CA ARG B 182 15.45 -22.58 31.23
C ARG B 182 15.19 -21.09 31.50
N GLU B 183 15.59 -20.59 32.66
CA GLU B 183 15.28 -19.22 33.06
C GLU B 183 16.01 -18.21 32.20
N ARG B 184 17.30 -18.43 31.98
CA ARG B 184 18.07 -17.54 31.11
C ARG B 184 17.48 -17.47 29.70
N LEU B 185 17.01 -18.59 29.18
CA LEU B 185 16.40 -18.63 27.85
C LEU B 185 15.09 -17.85 27.82
N LEU B 186 14.26 -18.07 28.83
CA LEU B 186 13.00 -17.33 28.93
C LEU B 186 13.24 -15.83 29.09
N GLU B 187 14.28 -15.44 29.83
CA GLU B 187 14.65 -14.04 29.95
C GLU B 187 15.07 -13.48 28.58
N TRP B 188 15.84 -14.25 27.82
CA TRP B 188 16.27 -13.84 26.49
C TRP B 188 15.09 -13.65 25.54
N TYR B 189 14.16 -14.60 25.51
CA TYR B 189 12.97 -14.46 24.66
C TYR B 189 12.16 -13.21 25.01
N HIS B 190 11.94 -12.96 26.30
N HIS B 190 11.93 -12.98 26.31
CA HIS B 190 11.11 -11.84 26.70
CA HIS B 190 11.13 -11.83 26.76
C HIS B 190 11.81 -10.47 26.58
C HIS B 190 11.83 -10.50 26.45
N ALA B 191 13.13 -10.44 26.69
CA ALA B 191 13.89 -9.19 26.49
C ALA B 191 14.07 -8.86 25.00
N ASN B 192 13.96 -9.86 24.13
CA ASN B 192 14.15 -9.67 22.70
C ASN B 192 12.96 -10.23 21.90
N PRO B 193 11.82 -9.53 21.94
CA PRO B 193 10.58 -10.10 21.43
C PRO B 193 10.50 -10.29 19.92
N GLY B 194 11.47 -9.80 19.16
CA GLY B 194 11.56 -10.09 17.74
C GLY B 194 12.67 -11.07 17.37
N CYS B 195 13.22 -11.82 18.33
CA CYS B 195 14.38 -12.67 18.05
C CYS B 195 14.03 -13.96 17.32
N ILE B 196 12.76 -14.39 17.35
CA ILE B 196 12.29 -15.54 16.59
C ILE B 196 11.14 -15.08 15.73
N VAL B 197 11.20 -15.37 14.44
CA VAL B 197 10.17 -15.00 13.49
C VAL B 197 9.80 -16.23 12.66
N PRO B 198 8.53 -16.36 12.29
CA PRO B 198 7.38 -15.54 12.60
C PRO B 198 6.84 -15.76 14.01
N GLU B 199 5.93 -14.88 14.40
CA GLU B 199 5.52 -14.72 15.79
C GLU B 199 4.94 -16.01 16.37
N PHE B 200 4.12 -16.75 15.63
CA PHE B 200 3.52 -17.96 16.18
C PHE B 200 4.55 -19.04 16.54
N ARG B 201 5.67 -19.06 15.83
CA ARG B 201 6.74 -20.00 16.15
C ARG B 201 7.52 -19.52 17.35
N ARG B 202 7.66 -18.22 17.49
CA ARG B 202 8.27 -17.65 18.68
C ARG B 202 7.52 -18.08 19.92
N ARG B 203 6.20 -18.01 19.89
N ARG B 203 6.18 -17.95 19.86
CA ARG B 203 5.40 -18.41 21.05
CA ARG B 203 5.29 -18.37 20.95
C ARG B 203 5.44 -19.91 21.31
C ARG B 203 5.43 -19.86 21.27
N GLU B 204 5.51 -20.71 20.25
CA GLU B 204 5.65 -22.16 20.44
C GLU B 204 6.95 -22.48 21.18
N VAL B 205 8.03 -21.76 20.87
CA VAL B 205 9.29 -22.00 21.54
C VAL B 205 9.16 -21.61 23.01
N ILE B 206 8.54 -20.47 23.28
CA ILE B 206 8.38 -20.01 24.65
C ILE B 206 7.51 -20.97 25.48
N ARG B 207 6.38 -21.43 24.95
CA ARG B 207 5.54 -22.35 25.70
C ARG B 207 6.32 -23.62 26.01
N ALA B 208 7.11 -24.08 25.04
CA ALA B 208 7.88 -25.30 25.23
C ALA B 208 8.91 -25.15 26.33
N VAL B 209 9.65 -24.05 26.34
CA VAL B 209 10.68 -23.84 27.35
C VAL B 209 10.04 -23.60 28.74
N GLU B 210 8.91 -22.92 28.78
CA GLU B 210 8.14 -22.77 30.02
C GLU B 210 7.82 -24.10 30.67
N LYS B 211 7.54 -25.13 29.88
CA LYS B 211 7.17 -26.43 30.44
C LYS B 211 8.34 -27.17 31.07
N GLY B 212 9.56 -26.74 30.79
CA GLY B 212 10.75 -27.37 31.36
C GLY B 212 11.58 -28.02 30.29
N LEU B 213 12.88 -28.11 30.55
CA LEU B 213 13.82 -28.67 29.58
C LEU B 213 14.53 -29.86 30.17
N PRO B 214 14.66 -30.93 29.39
CA PRO B 214 15.48 -32.04 29.82
C PRO B 214 16.93 -31.74 29.47
N ASP B 215 17.86 -32.49 30.07
CA ASP B 215 19.26 -32.38 29.69
C ASP B 215 19.46 -33.03 28.32
N LEU B 216 20.59 -32.76 27.69
CA LEU B 216 20.80 -33.11 26.29
C LEU B 216 22.07 -33.90 26.10
N SER B 217 21.96 -35.07 25.50
CA SER B 217 23.13 -35.92 25.27
C SER B 217 23.91 -35.35 24.10
N VAL B 218 25.20 -35.06 24.30
CA VAL B 218 26.02 -34.45 23.26
C VAL B 218 27.15 -35.32 22.75
N SER B 219 27.21 -36.57 23.20
CA SER B 219 28.15 -37.52 22.62
C SER B 219 27.49 -38.83 22.26
N ARG B 220 28.14 -39.61 21.40
CA ARG B 220 27.83 -41.01 21.17
C ARG B 220 29.11 -41.80 21.20
N ALA B 221 29.01 -43.10 21.50
CA ALA B 221 30.18 -43.98 21.44
C ALA B 221 30.71 -44.04 20.00
N ARG B 222 32.03 -44.15 19.84
CA ARG B 222 32.60 -44.12 18.50
C ARG B 222 32.11 -45.24 17.59
N ALA B 223 31.91 -46.43 18.12
CA ALA B 223 31.39 -47.56 17.32
C ALA B 223 29.98 -47.28 16.81
N THR B 224 29.21 -46.55 17.60
CA THR B 224 27.86 -46.15 17.23
C THR B 224 27.84 -45.30 15.96
N LEU B 225 28.84 -44.42 15.82
CA LEU B 225 28.95 -43.52 14.68
C LEU B 225 29.88 -44.04 13.58
N HIS B 226 30.29 -45.30 13.67
CA HIS B 226 31.22 -45.90 12.73
C HIS B 226 32.48 -45.05 12.65
N ASN B 227 32.88 -44.52 13.78
CA ASN B 227 34.06 -43.70 13.86
C ASN B 227 34.04 -42.52 12.87
N TRP B 228 32.86 -42.10 12.44
CA TRP B 228 32.79 -41.01 11.46
C TRP B 228 32.23 -39.75 12.12
N ALA B 229 33.07 -39.10 12.92
CA ALA B 229 32.70 -37.95 13.72
C ALA B 229 33.92 -37.38 14.45
N ILE B 230 33.74 -36.23 15.11
CA ILE B 230 34.83 -35.58 15.85
C ILE B 230 35.00 -36.20 17.23
N PRO B 231 36.25 -36.51 17.63
CA PRO B 231 36.46 -37.04 18.99
C PRO B 231 36.23 -36.04 20.10
N VAL B 232 35.61 -36.51 21.18
CA VAL B 232 35.55 -35.73 22.38
C VAL B 232 37.01 -35.46 22.81
N PRO B 233 37.34 -34.17 23.04
CA PRO B 233 38.64 -33.79 23.56
C PRO B 233 38.99 -34.55 24.83
N GLY B 234 40.13 -35.23 24.81
CA GLY B 234 40.58 -35.97 25.97
C GLY B 234 39.95 -37.33 26.14
N ASN B 235 38.97 -37.70 25.29
CA ASN B 235 38.34 -39.01 25.39
C ASN B 235 38.00 -39.64 24.03
N PRO B 236 39.00 -40.25 23.40
CA PRO B 236 38.91 -40.82 22.05
C PRO B 236 37.83 -41.90 21.85
N ASP B 237 37.35 -42.53 22.93
CA ASP B 237 36.26 -43.51 22.82
C ASP B 237 34.88 -42.91 22.51
N HIS B 238 34.75 -41.58 22.55
CA HIS B 238 33.47 -40.90 22.32
C HIS B 238 33.62 -39.85 21.27
N CAS B 239 32.52 -39.61 20.57
CA CAS B 239 32.48 -38.62 19.53
CB CAS B 239 32.10 -39.25 18.19
C CAS B 239 31.48 -37.57 19.86
O CAS B 239 30.50 -37.79 20.59
SG CAS B 239 33.04 -40.69 17.82
AS CAS B 239 34.74 -40.07 16.61
CE1 CAS B 239 36.12 -39.68 17.91
CE2 CAS B 239 35.71 -41.56 15.72
N VAL B 240 31.71 -36.38 19.33
CA VAL B 240 30.82 -35.25 19.47
C VAL B 240 29.63 -35.55 18.57
N TYR B 241 28.42 -35.55 19.14
CA TYR B 241 27.21 -35.81 18.36
C TYR B 241 26.80 -34.51 17.63
N VAL B 242 25.68 -34.56 16.91
CA VAL B 242 25.32 -33.49 15.96
C VAL B 242 25.23 -32.09 16.55
N TRP B 243 24.79 -31.97 17.81
CA TRP B 243 24.40 -30.66 18.36
C TRP B 243 25.59 -29.70 18.42
N LEU B 244 26.69 -30.13 19.02
CA LEU B 244 27.89 -29.29 19.10
C LEU B 244 28.80 -29.40 17.88
N ASP B 245 28.48 -30.30 16.96
CA ASP B 245 29.16 -30.35 15.67
C ASP B 245 28.53 -29.35 14.70
N ALA B 246 27.26 -29.58 14.38
CA ALA B 246 26.58 -28.86 13.33
C ALA B 246 26.30 -27.40 13.70
N LEU B 247 25.72 -27.15 14.87
CA LEU B 247 25.35 -25.79 15.22
C LEU B 247 26.56 -24.88 15.27
N THR B 248 27.69 -25.46 15.65
CA THR B 248 28.93 -24.71 15.80
C THR B 248 29.51 -24.20 14.49
N ASN B 249 29.00 -24.69 13.35
CA ASN B 249 29.48 -24.22 12.07
C ASN B 249 29.38 -22.71 11.98
N TYR B 250 28.32 -22.16 12.59
CA TYR B 250 28.09 -20.72 12.59
C TYR B 250 29.22 -19.98 13.31
N LEU B 251 29.71 -20.56 14.39
CA LEU B 251 30.82 -19.98 15.11
C LEU B 251 32.13 -20.10 14.32
N THR B 252 32.39 -21.27 13.75
CA THR B 252 33.56 -21.46 12.91
C THR B 252 33.57 -20.48 11.75
N GLY B 253 32.45 -20.38 11.05
CA GLY B 253 32.38 -19.53 9.88
C GLY B 253 32.65 -18.08 10.23
N SER B 254 32.23 -17.68 11.42
CA SER B 254 32.41 -16.29 11.87
C SER B 254 33.87 -15.96 12.14
N ARG B 255 34.71 -17.01 12.21
CA ARG B 255 36.14 -16.87 12.49
C ARG B 255 37.05 -17.26 11.34
N LEU B 256 36.50 -17.52 10.16
CA LEU B 256 37.35 -17.91 9.03
C LEU B 256 37.70 -16.72 8.13
N ARG B 257 38.98 -16.44 7.97
CA ARG B 257 39.43 -15.57 6.87
C ARG B 257 39.36 -16.36 5.56
N VAL B 258 38.69 -15.78 4.57
CA VAL B 258 38.41 -16.46 3.31
C VAL B 258 39.08 -15.68 2.18
N ASP B 259 39.77 -16.39 1.29
CA ASP B 259 40.47 -15.76 0.18
C ASP B 259 39.51 -15.45 -0.98
N GLU B 260 40.05 -14.77 -1.98
CA GLU B 260 39.32 -14.36 -3.18
C GLU B 260 38.54 -15.50 -3.87
N SER B 261 39.08 -16.72 -3.83
CA SER B 261 38.48 -17.87 -4.53
C SER B 261 37.55 -18.71 -3.64
N GLY B 262 37.16 -18.17 -2.48
CA GLY B 262 36.21 -18.84 -1.58
C GLY B 262 36.83 -19.84 -0.62
N LYS B 263 38.15 -20.01 -0.68
CA LYS B 263 38.81 -20.97 0.19
C LYS B 263 39.23 -20.32 1.50
N GLU B 264 39.02 -21.07 2.57
CA GLU B 264 39.39 -20.67 3.92
C GLU B 264 40.90 -20.76 4.09
N VAL B 265 41.53 -19.69 4.54
CA VAL B 265 42.98 -19.67 4.68
C VAL B 265 43.48 -19.45 6.11
N SER B 266 42.58 -19.24 7.07
CA SER B 266 43.01 -18.91 8.43
C SER B 266 41.84 -18.89 9.39
N LEU B 267 42.06 -19.40 10.60
CA LEU B 267 41.10 -19.34 11.69
C LEU B 267 41.61 -18.39 12.77
N VAL B 268 40.90 -17.29 12.97
CA VAL B 268 41.25 -16.34 14.02
C VAL B 268 40.86 -16.86 15.40
N ASP B 269 41.57 -16.40 16.42
CA ASP B 269 41.31 -16.84 17.80
C ASP B 269 40.03 -16.20 18.35
N ASP B 270 39.85 -14.92 18.06
CA ASP B 270 38.82 -14.11 18.68
C ASP B 270 37.77 -13.73 17.63
N PHE B 271 36.55 -14.23 17.79
CA PHE B 271 35.47 -13.94 16.86
C PHE B 271 35.33 -12.44 16.55
N ASN B 272 35.51 -11.61 17.57
CA ASN B 272 35.40 -10.16 17.39
C ASN B 272 36.29 -9.59 16.32
N GLU B 273 37.36 -10.31 15.96
CA GLU B 273 38.33 -9.78 15.00
C GLU B 273 37.71 -9.58 13.59
N LEU B 274 36.76 -10.43 13.22
CA LEU B 274 36.12 -10.34 11.92
C LEU B 274 34.74 -9.64 11.97
N GLU B 275 34.23 -9.40 13.18
CA GLU B 275 33.01 -8.60 13.39
C GLU B 275 31.75 -9.26 12.81
N ARG B 276 31.74 -10.60 12.75
CA ARG B 276 30.59 -11.33 12.23
C ARG B 276 29.74 -11.91 13.34
N PHE B 277 30.36 -12.62 14.27
CA PHE B 277 29.58 -13.26 15.33
C PHE B 277 29.00 -12.20 16.27
N PRO B 278 27.74 -12.38 16.72
CA PRO B 278 26.81 -13.45 16.40
C PRO B 278 26.01 -13.13 15.14
N ALA B 279 25.37 -14.13 14.57
CA ALA B 279 24.56 -13.97 13.36
C ALA B 279 23.47 -12.90 13.55
N ASP B 280 23.30 -12.07 12.54
CA ASP B 280 22.18 -11.14 12.55
C ASP B 280 20.90 -11.86 12.16
N VAL B 281 21.00 -12.81 11.25
CA VAL B 281 19.88 -13.68 10.91
C VAL B 281 20.33 -15.13 10.68
N HIS B 282 19.73 -16.04 11.42
CA HIS B 282 19.83 -17.46 11.13
C HIS B 282 18.59 -17.87 10.34
N VAL B 283 18.75 -18.20 9.06
CA VAL B 283 17.61 -18.70 8.25
C VAL B 283 17.49 -20.21 8.43
N ILE B 284 16.30 -20.69 8.78
CA ILE B 284 16.10 -22.15 8.95
C ILE B 284 14.70 -22.59 8.54
N GLY B 285 14.52 -23.90 8.38
CA GLY B 285 13.19 -24.50 8.29
C GLY B 285 12.60 -24.76 9.67
N LYS B 286 11.27 -24.74 9.74
CA LYS B 286 10.55 -24.96 10.98
C LYS B 286 10.93 -26.25 11.74
N ASP B 287 11.45 -27.23 11.01
CA ASP B 287 11.86 -28.53 11.56
C ASP B 287 13.05 -28.49 12.52
N ILE B 288 13.89 -27.46 12.42
CA ILE B 288 15.06 -27.34 13.27
C ILE B 288 15.02 -26.12 14.20
N LEU B 289 13.83 -25.55 14.40
CA LEU B 289 13.69 -24.34 15.23
C LEU B 289 14.11 -24.57 16.66
N LYS B 290 13.67 -25.69 17.23
CA LYS B 290 14.07 -26.07 18.58
C LYS B 290 15.59 -26.03 18.76
N PHE B 291 16.32 -26.56 17.78
CA PHE B 291 17.75 -26.71 17.95
C PHE B 291 18.40 -25.37 17.94
N HIS B 292 17.85 -24.47 17.13
CA HIS B 292 18.37 -23.13 16.97
C HIS B 292 17.92 -22.12 18.03
N ALA B 293 16.72 -22.32 18.56
CA ALA B 293 16.16 -21.35 19.50
C ALA B 293 16.25 -21.79 20.96
N ILE B 294 16.67 -23.04 21.18
CA ILE B 294 16.81 -23.58 22.53
C ILE B 294 18.23 -24.09 22.78
N TYR B 295 18.66 -25.10 22.02
CA TYR B 295 20.00 -25.66 22.20
C TYR B 295 21.13 -24.66 21.95
N TRP B 296 21.12 -24.09 20.76
CA TRP B 296 22.19 -23.17 20.31
C TRP B 296 22.41 -22.04 21.31
N PRO B 297 21.37 -21.28 21.66
CA PRO B 297 21.59 -20.21 22.64
C PRO B 297 22.06 -20.68 24.02
N ALA B 298 21.63 -21.85 24.45
CA ALA B 298 22.05 -22.38 25.72
C ALA B 298 23.55 -22.65 25.66
N PHE B 299 24.02 -23.18 24.53
CA PHE B 299 25.44 -23.39 24.31
C PHE B 299 26.21 -22.08 24.38
N LEU B 300 25.68 -21.03 23.78
CA LEU B 300 26.36 -19.75 23.72
C LEU B 300 26.36 -19.07 25.11
N LEU B 301 25.25 -19.25 25.84
CA LEU B 301 25.14 -18.73 27.19
C LEU B 301 26.20 -19.39 28.08
N SER B 302 26.32 -20.70 28.00
CA SER B 302 27.30 -21.42 28.76
C SER B 302 28.71 -20.91 28.46
N ALA B 303 28.99 -20.70 27.19
CA ALA B 303 30.34 -20.29 26.78
C ALA B 303 30.60 -18.80 26.97
N GLY B 304 29.57 -18.01 27.29
CA GLY B 304 29.73 -16.57 27.46
C GLY B 304 29.80 -15.83 26.14
N LEU B 305 29.24 -16.44 25.09
CA LEU B 305 29.23 -15.88 23.76
C LEU B 305 27.93 -15.12 23.51
N PRO B 306 27.97 -14.13 22.63
CA PRO B 306 26.72 -13.41 22.36
C PRO B 306 25.71 -14.24 21.58
N LEU B 307 24.44 -13.91 21.74
CA LEU B 307 23.35 -14.64 21.10
C LEU B 307 22.98 -14.00 19.76
N PRO B 308 22.50 -14.81 18.81
CA PRO B 308 22.04 -14.27 17.53
C PRO B 308 20.91 -13.28 17.73
N LYS B 309 20.74 -12.38 16.79
CA LYS B 309 19.68 -11.38 16.87
C LYS B 309 18.36 -11.95 16.41
N LYS B 310 18.36 -12.73 15.35
CA LYS B 310 17.12 -13.23 14.78
C LYS B 310 17.28 -14.64 14.24
N ILE B 311 16.27 -15.47 14.48
CA ILE B 311 16.14 -16.77 13.87
C ILE B 311 14.83 -16.74 13.08
N VAL B 312 14.90 -16.94 11.77
CA VAL B 312 13.70 -16.91 10.95
C VAL B 312 13.44 -18.30 10.41
N ALA B 313 12.27 -18.84 10.75
CA ALA B 313 11.91 -20.24 10.48
C ALA B 313 10.78 -20.31 9.47
N HIS B 314 11.06 -20.90 8.32
CA HIS B 314 10.09 -20.91 7.20
C HIS B 314 9.42 -22.27 7.08
N GLY B 315 8.46 -22.36 6.15
CA GLY B 315 7.69 -23.59 5.92
C GLY B 315 8.23 -24.53 4.85
N TRP B 316 7.43 -25.53 4.52
CA TRP B 316 7.79 -26.63 3.61
C TRP B 316 6.93 -26.59 2.34
N TRP B 317 7.59 -26.56 1.18
CA TRP B 317 6.89 -26.54 -0.11
C TRP B 317 6.17 -27.83 -0.47
N THR B 318 5.03 -27.68 -1.15
CA THR B 318 4.37 -28.74 -1.91
C THR B 318 4.37 -28.36 -3.39
N LYS B 319 4.09 -29.34 -4.25
CA LYS B 319 3.85 -29.07 -5.67
C LYS B 319 2.49 -29.64 -6.07
N ASP B 320 1.71 -28.83 -6.80
CA ASP B 320 0.35 -29.21 -7.21
C ASP B 320 -0.46 -29.75 -6.02
N ARG B 321 -0.26 -29.13 -4.85
CA ARG B 321 -0.98 -29.44 -3.60
C ARG B 321 -0.66 -30.82 -2.99
N LYS B 322 0.43 -31.44 -3.44
CA LYS B 322 0.82 -32.77 -2.96
C LYS B 322 2.28 -32.74 -2.47
N LYS B 323 2.61 -33.73 -1.66
CA LYS B 323 3.96 -33.87 -1.10
C LYS B 323 4.99 -34.09 -2.22
N ILE B 324 6.10 -33.38 -2.14
CA ILE B 324 7.16 -33.51 -3.14
C ILE B 324 7.99 -34.75 -2.82
N SER B 325 8.14 -35.63 -3.82
CA SER B 325 8.85 -36.90 -3.65
C SER B 325 9.26 -37.52 -4.99
N LYS B 326 10.45 -38.13 -5.01
CA LYS B 326 11.01 -38.75 -6.22
C LYS B 326 10.16 -39.95 -6.62
N SER B 327 9.99 -40.89 -5.67
CA SER B 327 8.91 -41.87 -5.73
C SER B 327 7.61 -41.10 -5.44
N LEU B 328 6.46 -41.72 -5.69
CA LEU B 328 5.17 -41.01 -5.64
C LEU B 328 4.96 -40.04 -6.81
N GLY B 329 6.00 -39.84 -7.63
CA GLY B 329 5.85 -39.17 -8.93
C GLY B 329 5.64 -37.67 -8.92
N ASN B 330 5.99 -37.00 -7.82
CA ASN B 330 5.84 -35.55 -7.74
C ASN B 330 7.18 -34.86 -7.46
N VAL B 331 7.98 -34.78 -8.52
CA VAL B 331 9.28 -34.11 -8.48
C VAL B 331 9.11 -32.60 -8.67
N PHE B 332 9.81 -31.83 -7.84
CA PHE B 332 9.96 -30.40 -8.05
C PHE B 332 11.44 -30.04 -8.05
N ASP B 333 11.98 -29.92 -9.26
CA ASP B 333 13.42 -29.68 -9.49
C ASP B 333 13.65 -28.20 -9.83
N PRO B 334 14.16 -27.43 -8.87
CA PRO B 334 14.21 -26.00 -9.07
C PRO B 334 15.12 -25.53 -10.20
N VAL B 335 16.18 -26.28 -10.49
CA VAL B 335 17.04 -25.94 -11.62
C VAL B 335 16.28 -26.16 -12.93
N GLU B 336 15.52 -27.26 -13.03
CA GLU B 336 14.78 -27.52 -14.25
C GLU B 336 13.72 -26.44 -14.48
N LYS B 337 13.03 -26.03 -13.42
CA LYS B 337 12.02 -24.99 -13.52
C LYS B 337 12.64 -23.64 -13.84
N ALA B 338 13.81 -23.38 -13.28
CA ALA B 338 14.58 -22.16 -13.57
C ALA B 338 15.00 -22.09 -15.05
N GLU B 339 15.45 -23.21 -15.58
CA GLU B 339 15.81 -23.31 -17.00
C GLU B 339 14.60 -23.07 -17.91
N GLU B 340 13.41 -23.46 -17.42
CA GLU B 340 12.18 -23.34 -18.19
C GLU B 340 11.57 -21.95 -18.15
N PHE B 341 11.52 -21.37 -16.95
CA PHE B 341 10.84 -20.09 -16.75
C PHE B 341 11.79 -18.92 -16.49
N GLY B 342 13.05 -19.20 -16.18
CA GLY B 342 14.00 -18.15 -15.80
C GLY B 342 14.37 -18.21 -14.33
N TYR B 343 15.63 -17.92 -14.03
CA TYR B 343 16.17 -18.01 -12.68
C TYR B 343 15.61 -16.94 -11.75
N ASP B 344 15.70 -15.69 -12.18
CA ASP B 344 15.15 -14.60 -11.38
C ASP B 344 13.65 -14.79 -11.21
N ALA B 345 12.98 -15.22 -12.27
CA ALA B 345 11.54 -15.40 -12.22
C ALA B 345 11.12 -16.46 -11.19
N LEU B 346 11.84 -17.57 -11.16
CA LEU B 346 11.56 -18.62 -10.18
C LEU B 346 11.82 -18.15 -8.76
N LYS B 347 12.93 -17.46 -8.56
CA LYS B 347 13.30 -16.92 -7.25
C LYS B 347 12.21 -15.97 -6.75
N TYR B 348 11.74 -15.10 -7.66
CA TYR B 348 10.64 -14.19 -7.37
C TYR B 348 9.40 -14.98 -6.95
N PHE B 349 9.06 -16.00 -7.71
CA PHE B 349 7.91 -16.80 -7.36
C PHE B 349 8.01 -17.41 -5.96
N LEU B 350 9.16 -18.01 -5.66
CA LEU B 350 9.33 -18.69 -4.39
C LEU B 350 9.23 -17.70 -3.22
N LEU B 351 9.72 -16.49 -3.45
CA LEU B 351 9.70 -15.48 -2.39
C LEU B 351 8.40 -14.69 -2.30
N ARG B 352 7.61 -14.70 -3.37
CA ARG B 352 6.36 -13.92 -3.43
C ARG B 352 5.15 -14.75 -3.10
N GLU B 353 5.18 -16.02 -3.50
CA GLU B 353 4.01 -16.88 -3.42
C GLU B 353 3.60 -17.20 -1.99
N SER B 354 4.58 -17.38 -1.11
CA SER B 354 4.30 -17.70 0.27
C SER B 354 5.17 -16.89 1.21
N GLY B 355 4.66 -16.64 2.41
CA GLY B 355 5.47 -16.09 3.48
C GLY B 355 6.08 -17.22 4.30
N PHE B 356 6.87 -16.85 5.29
CA PHE B 356 7.53 -17.81 6.15
C PHE B 356 6.55 -18.52 7.09
N SER B 357 5.36 -17.95 7.30
CA SER B 357 4.31 -18.59 8.09
C SER B 357 3.66 -19.75 7.37
N ASP B 358 3.75 -19.75 6.05
CA ASP B 358 2.97 -20.67 5.24
C ASP B 358 3.86 -21.79 4.71
N ASP B 359 3.22 -22.93 4.45
CA ASP B 359 3.79 -23.95 3.59
C ASP B 359 3.34 -23.65 2.17
N GLY B 360 4.25 -23.09 1.37
CA GLY B 360 3.96 -22.66 0.02
C GLY B 360 3.68 -23.81 -0.93
N ASP B 361 2.97 -23.50 -2.00
CA ASP B 361 2.63 -24.50 -3.01
C ASP B 361 3.05 -24.01 -4.40
N TYR B 362 3.85 -24.82 -5.10
CA TYR B 362 4.23 -24.52 -6.48
C TYR B 362 3.26 -25.18 -7.45
N SER B 363 2.97 -24.47 -8.54
CA SER B 363 2.39 -25.07 -9.75
C SER B 363 2.84 -24.28 -10.98
N ASP B 364 2.84 -24.92 -12.14
CA ASP B 364 3.23 -24.24 -13.36
C ASP B 364 2.23 -23.12 -13.68
N LYS B 365 0.94 -23.40 -13.47
CA LYS B 365 -0.11 -22.43 -13.70
C LYS B 365 0.12 -21.13 -12.92
N ASN B 366 0.41 -21.26 -11.63
CA ASN B 366 0.62 -20.10 -10.76
C ASN B 366 1.91 -19.36 -11.04
N MET B 367 2.96 -20.13 -11.33
CA MET B 367 4.24 -19.59 -11.77
C MET B 367 4.04 -18.69 -12.99
N ILE B 368 3.30 -19.21 -13.95
CA ILE B 368 2.94 -18.46 -15.15
C ILE B 368 2.06 -17.25 -14.82
N ALA B 369 1.10 -17.41 -13.90
CA ALA B 369 0.25 -16.29 -13.52
C ALA B 369 1.08 -15.10 -12.98
N ARG B 370 2.05 -15.40 -12.11
CA ARG B 370 2.89 -14.36 -11.52
C ARG B 370 3.92 -13.80 -12.49
N LEU B 371 4.51 -14.67 -13.31
CA LEU B 371 5.46 -14.22 -14.33
C LEU B 371 4.76 -13.26 -15.33
N ASN B 372 3.60 -13.67 -15.82
CA ASN B 372 2.83 -12.84 -16.76
C ASN B 372 2.27 -11.58 -16.14
N GLY B 373 1.60 -11.74 -15.00
CA GLY B 373 0.85 -10.64 -14.38
C GLY B 373 1.72 -9.59 -13.72
N GLU B 374 2.74 -10.04 -13.00
CA GLU B 374 3.56 -9.12 -12.19
C GLU B 374 4.86 -8.76 -12.88
N LEU B 375 5.62 -9.76 -13.28
CA LEU B 375 6.94 -9.52 -13.88
C LEU B 375 6.88 -8.91 -15.28
N ALA B 376 6.04 -9.45 -16.16
CA ALA B 376 5.93 -8.91 -17.52
C ALA B 376 5.01 -7.70 -17.57
N ASP B 377 3.77 -7.87 -17.13
CA ASP B 377 2.75 -6.82 -17.28
C ASP B 377 2.97 -5.61 -16.41
N THR B 378 3.43 -5.79 -15.18
CA THR B 378 3.60 -4.65 -14.29
C THR B 378 4.99 -4.11 -14.43
N LEU B 379 6.00 -4.93 -14.15
CA LEU B 379 7.39 -4.44 -14.15
C LEU B 379 7.93 -4.24 -15.57
N GLY B 380 7.89 -5.30 -16.37
CA GLY B 380 8.48 -5.28 -17.70
C GLY B 380 7.90 -4.21 -18.59
N ASN B 381 6.57 -4.18 -18.64
CA ASN B 381 5.82 -3.23 -19.46
C ASN B 381 6.16 -1.77 -19.10
N LEU B 382 6.30 -1.52 -17.80
CA LEU B 382 6.64 -0.19 -17.34
C LEU B 382 8.06 0.19 -17.77
N VAL B 383 8.98 -0.76 -17.67
CA VAL B 383 10.36 -0.51 -18.08
C VAL B 383 10.44 -0.17 -19.57
N MET B 384 9.63 -0.85 -20.36
CA MET B 384 9.62 -0.60 -21.80
C MET B 384 8.96 0.74 -22.13
N ARG B 385 7.88 1.07 -21.45
CA ARG B 385 7.18 2.34 -21.67
C ARG B 385 8.10 3.55 -21.46
N CYS B 386 8.82 3.56 -20.35
CA CYS B 386 9.62 4.73 -20.01
C CYS B 386 10.94 4.80 -20.79
N THR B 387 11.30 3.73 -21.50
CA THR B 387 12.53 3.70 -22.30
C THR B 387 12.29 3.66 -23.81
N SER B 388 11.04 3.58 -24.25
CA SER B 388 10.75 3.47 -25.68
C SER B 388 11.07 4.77 -26.40
N ALA B 389 11.56 4.62 -27.62
CA ALA B 389 11.89 5.77 -28.47
C ALA B 389 10.65 6.59 -28.83
N LYS B 390 9.48 5.97 -28.83
CA LYS B 390 8.23 6.68 -29.15
C LYS B 390 7.78 7.63 -28.05
N ILE B 391 8.18 7.35 -26.81
CA ILE B 391 7.78 8.16 -25.66
C ILE B 391 8.94 9.01 -25.15
N ASN B 392 10.08 8.35 -24.92
CA ASN B 392 11.32 9.01 -24.52
C ASN B 392 12.12 9.29 -25.81
N VAL B 393 11.66 10.30 -26.55
CA VAL B 393 12.22 10.57 -27.88
C VAL B 393 13.70 10.98 -27.88
N ASN B 394 14.23 11.48 -26.77
CA ASN B 394 15.66 11.84 -26.71
C ASN B 394 16.58 10.79 -26.06
N GLY B 395 16.01 9.68 -25.62
CA GLY B 395 16.79 8.61 -24.99
C GLY B 395 17.59 9.11 -23.79
N GLU B 396 16.92 9.79 -22.87
CA GLU B 396 17.60 10.36 -21.71
C GLU B 396 16.62 10.65 -20.56
N TRP B 397 17.19 10.95 -19.39
CA TRP B 397 16.44 11.37 -18.24
C TRP B 397 16.12 12.85 -18.38
N PRO B 398 14.83 13.21 -18.48
CA PRO B 398 14.54 14.61 -18.66
C PRO B 398 14.58 15.38 -17.36
N SER B 399 14.67 16.68 -17.50
CA SER B 399 14.59 17.58 -16.38
C SER B 399 13.12 17.93 -16.19
N PRO B 400 12.56 17.61 -15.01
CA PRO B 400 11.13 17.81 -14.83
C PRO B 400 10.73 19.27 -14.81
N ALA B 401 9.52 19.57 -15.25
CA ALA B 401 8.91 20.87 -15.04
C ALA B 401 8.18 20.88 -13.69
N ALA B 402 7.24 21.79 -13.48
CA ALA B 402 6.56 21.88 -12.18
C ALA B 402 5.70 20.64 -11.88
N TYR B 403 5.69 20.25 -10.61
CA TYR B 403 4.93 19.09 -10.14
C TYR B 403 3.47 19.41 -9.77
N THR B 404 2.53 18.63 -10.28
CA THR B 404 1.14 18.70 -9.80
C THR B 404 0.98 17.92 -8.49
N GLU B 405 -0.19 18.04 -7.87
CA GLU B 405 -0.50 17.23 -6.70
C GLU B 405 -0.47 15.74 -6.98
N GLU B 406 -0.99 15.33 -8.14
CA GLU B 406 -0.91 13.94 -8.54
C GLU B 406 0.55 13.49 -8.64
N ASP B 407 1.39 14.32 -9.26
CA ASP B 407 2.83 14.04 -9.33
C ASP B 407 3.41 13.87 -7.92
N GLU B 408 3.11 14.83 -7.03
CA GLU B 408 3.59 14.79 -5.66
C GLU B 408 3.12 13.54 -4.91
N SER B 409 1.89 13.09 -5.18
CA SER B 409 1.39 11.90 -4.50
C SER B 409 2.20 10.68 -4.91
N LEU B 410 2.57 10.56 -6.18
CA LEU B 410 3.38 9.42 -6.64
C LEU B 410 4.80 9.49 -6.10
N ILE B 411 5.37 10.68 -6.16
CA ILE B 411 6.71 10.91 -5.65
C ILE B 411 6.80 10.54 -4.17
N GLN B 412 5.75 10.84 -3.39
CA GLN B 412 5.76 10.54 -1.98
C GLN B 412 5.82 9.02 -1.75
N LEU B 413 5.12 8.27 -2.61
CA LEU B 413 5.13 6.83 -2.53
C LEU B 413 6.52 6.33 -2.82
N ILE B 414 7.20 6.92 -3.79
CA ILE B 414 8.54 6.48 -4.16
C ILE B 414 9.51 6.84 -3.04
N LYS B 415 9.34 8.04 -2.49
CA LYS B 415 10.16 8.45 -1.35
C LYS B 415 10.01 7.56 -0.12
N ASP B 416 8.79 7.11 0.16
CA ASP B 416 8.49 6.34 1.37
C ASP B 416 8.90 4.86 1.25
N LEU B 417 9.01 4.38 0.01
CA LEU B 417 9.20 2.96 -0.24
C LEU B 417 10.46 2.36 0.42
N PRO B 418 11.62 3.04 0.31
CA PRO B 418 12.83 2.42 0.87
C PRO B 418 12.75 2.15 2.35
N GLY B 419 12.26 3.11 3.11
CA GLY B 419 12.06 2.91 4.55
C GLY B 419 11.08 1.79 4.87
N THR B 420 10.02 1.67 4.08
CA THR B 420 9.05 0.60 4.22
C THR B 420 9.70 -0.73 3.90
N ALA B 421 10.34 -0.79 2.73
CA ALA B 421 11.01 -2.00 2.30
C ALA B 421 12.11 -2.41 3.27
N ASP B 422 12.85 -1.43 3.78
CA ASP B 422 13.88 -1.73 4.75
C ASP B 422 13.33 -2.42 6.00
N HIS B 423 12.26 -1.91 6.58
CA HIS B 423 11.68 -2.53 7.75
C HIS B 423 11.28 -3.98 7.45
N TYR B 424 10.68 -4.21 6.28
CA TYR B 424 10.26 -5.57 5.94
C TYR B 424 11.44 -6.52 5.77
N TYR B 425 12.48 -6.04 5.09
CA TYR B 425 13.67 -6.86 4.87
C TYR B 425 14.34 -7.17 6.20
N LEU B 426 14.22 -6.27 7.17
CA LEU B 426 14.87 -6.47 8.46
C LEU B 426 14.13 -7.39 9.43
N ILE B 427 12.83 -7.59 9.22
CA ILE B 427 12.04 -8.42 10.12
C ILE B 427 12.63 -9.83 10.32
N PRO B 428 12.93 -10.56 9.24
CA PRO B 428 12.73 -10.33 7.82
C PRO B 428 11.42 -10.93 7.30
N ASP B 429 10.82 -10.27 6.33
CA ASP B 429 9.59 -10.71 5.66
C ASP B 429 9.74 -10.24 4.23
N ILE B 430 10.34 -11.10 3.42
CA ILE B 430 10.71 -10.73 2.06
C ILE B 430 9.45 -10.63 1.23
N GLN B 431 8.45 -11.46 1.55
CA GLN B 431 7.21 -11.44 0.79
C GLN B 431 6.57 -10.06 0.87
N LYS B 432 6.51 -9.47 2.07
CA LYS B 432 5.97 -8.12 2.23
C LYS B 432 6.85 -7.06 1.61
N ALA B 433 8.16 -7.26 1.68
CA ALA B 433 9.08 -6.37 0.98
C ALA B 433 8.72 -6.33 -0.50
N ILE B 434 8.49 -7.50 -1.09
CA ILE B 434 8.20 -7.56 -2.52
C ILE B 434 6.86 -6.88 -2.84
N ILE B 435 5.84 -7.18 -2.03
CA ILE B 435 4.52 -6.60 -2.22
C ILE B 435 4.57 -5.07 -2.12
N ALA B 436 5.32 -4.54 -1.17
CA ALA B 436 5.41 -3.08 -1.03
C ALA B 436 6.01 -2.47 -2.28
N VAL B 437 7.07 -3.07 -2.83
CA VAL B 437 7.66 -2.55 -4.05
C VAL B 437 6.65 -2.59 -5.19
N PHE B 438 5.97 -3.72 -5.34
CA PHE B 438 4.98 -3.87 -6.40
C PHE B 438 3.76 -2.97 -6.25
N ASP B 439 3.39 -2.64 -5.02
CA ASP B 439 2.36 -1.61 -4.81
C ASP B 439 2.79 -0.30 -5.50
N VAL B 440 4.06 0.06 -5.37
CA VAL B 440 4.57 1.30 -5.99
C VAL B 440 4.63 1.14 -7.50
N LEU B 441 5.08 -0.02 -7.98
CA LEU B 441 5.05 -0.29 -9.41
C LEU B 441 3.64 -0.16 -9.97
N ARG B 442 2.65 -0.69 -9.26
CA ARG B 442 1.26 -0.59 -9.72
C ARG B 442 0.84 0.87 -9.77
N ALA B 443 1.18 1.63 -8.73
CA ALA B 443 0.82 3.05 -8.71
C ALA B 443 1.50 3.83 -9.85
N ILE B 444 2.76 3.50 -10.15
CA ILE B 444 3.48 4.15 -11.26
C ILE B 444 2.83 3.86 -12.59
N ASN B 445 2.47 2.61 -12.83
CA ASN B 445 1.74 2.27 -14.07
C ASN B 445 0.41 2.99 -14.24
N ALA B 446 -0.34 3.13 -13.14
CA ALA B 446 -1.63 3.77 -13.17
C ALA B 446 -1.45 5.26 -13.49
N TYR B 447 -0.41 5.85 -12.92
CA TYR B 447 -0.02 7.22 -13.22
C TYR B 447 0.35 7.38 -14.71
N VAL B 448 1.13 6.43 -15.23
CA VAL B 448 1.48 6.46 -16.65
C VAL B 448 0.24 6.38 -17.52
N THR B 449 -0.63 5.41 -17.23
CA THR B 449 -1.89 5.22 -17.96
C THR B 449 -2.74 6.49 -17.90
N ASP B 450 -2.69 7.15 -16.76
CA ASP B 450 -3.43 8.35 -16.51
C ASP B 450 -2.89 9.55 -17.27
N MET B 451 -1.57 9.66 -17.35
CA MET B 451 -0.94 10.80 -17.98
C MET B 451 -0.79 10.59 -19.47
N ALA B 452 -0.96 9.35 -19.94
CA ALA B 452 -0.84 9.04 -21.37
C ALA B 452 0.35 9.74 -22.05
N PRO B 453 1.58 9.48 -21.58
CA PRO B 453 2.74 10.21 -22.12
C PRO B 453 2.93 10.07 -23.63
N TRP B 454 2.47 8.96 -24.21
CA TRP B 454 2.53 8.76 -25.66
C TRP B 454 1.82 9.87 -26.45
N LYS B 455 0.77 10.48 -25.88
CA LYS B 455 0.09 11.62 -26.48
C LYS B 455 0.78 12.94 -26.17
N LEU B 456 1.37 13.03 -24.98
CA LEU B 456 2.08 14.24 -24.60
C LEU B 456 3.27 14.54 -25.51
N VAL B 457 3.80 13.51 -26.21
CA VAL B 457 4.94 13.73 -27.12
C VAL B 457 4.57 14.79 -28.16
N LYS B 458 3.32 14.74 -28.65
CA LYS B 458 2.79 15.75 -29.56
C LYS B 458 2.21 16.97 -28.86
N THR B 459 1.41 16.77 -27.82
CA THR B 459 0.59 17.87 -27.27
C THR B 459 1.25 18.75 -26.20
N ASP B 460 2.17 18.21 -25.41
CA ASP B 460 2.76 18.98 -24.30
C ASP B 460 4.09 18.36 -23.89
N PRO B 461 5.14 18.61 -24.69
CA PRO B 461 6.45 18.06 -24.38
C PRO B 461 7.00 18.45 -23.00
N GLU B 462 6.62 19.62 -22.49
CA GLU B 462 7.09 20.07 -21.19
C GLU B 462 6.52 19.17 -20.09
N ARG B 463 5.21 18.93 -20.16
CA ARG B 463 4.57 18.00 -19.23
C ARG B 463 5.19 16.60 -19.34
N LEU B 464 5.50 16.18 -20.56
CA LEU B 464 6.12 14.87 -20.75
C LEU B 464 7.42 14.74 -19.97
N ARG B 465 8.20 15.80 -19.90
CA ARG B 465 9.45 15.77 -19.15
C ARG B 465 9.21 15.39 -17.70
N THR B 466 8.21 16.00 -17.10
CA THR B 466 7.89 15.75 -15.70
C THR B 466 7.46 14.31 -15.52
N VAL B 467 6.50 13.90 -16.35
CA VAL B 467 5.95 12.55 -16.26
C VAL B 467 7.03 11.49 -16.46
N LEU B 468 7.91 11.73 -17.42
CA LEU B 468 8.99 10.79 -17.72
C LEU B 468 9.98 10.70 -16.58
N TYR B 469 10.41 11.85 -16.09
CA TYR B 469 11.38 11.86 -15.00
C TYR B 469 10.86 11.07 -13.80
N ILE B 470 9.63 11.32 -13.40
CA ILE B 470 9.05 10.66 -12.25
C ILE B 470 8.99 9.15 -12.50
N THR B 471 8.62 8.77 -13.72
CA THR B 471 8.50 7.37 -14.06
C THR B 471 9.85 6.69 -13.98
N LEU B 472 10.84 7.27 -14.66
CA LEU B 472 12.20 6.72 -14.64
C LEU B 472 12.71 6.58 -13.22
N GLU B 473 12.55 7.63 -12.42
CA GLU B 473 13.05 7.61 -11.07
C GLU B 473 12.31 6.57 -10.20
N GLY B 474 11.02 6.39 -10.43
CA GLY B 474 10.25 5.36 -9.74
C GLY B 474 10.69 3.94 -10.10
N VAL B 475 10.94 3.71 -11.38
CA VAL B 475 11.44 2.43 -11.84
C VAL B 475 12.83 2.14 -11.25
N ARG B 476 13.67 3.17 -11.17
CA ARG B 476 15.01 2.99 -10.61
C ARG B 476 14.94 2.55 -9.18
N VAL B 477 14.16 3.27 -8.38
CA VAL B 477 14.10 3.00 -6.95
C VAL B 477 13.48 1.63 -6.67
N THR B 478 12.38 1.31 -7.33
CA THR B 478 11.76 -0.03 -7.17
C THR B 478 12.73 -1.11 -7.62
N THR B 479 13.47 -0.84 -8.71
CA THR B 479 14.42 -1.84 -9.22
C THR B 479 15.55 -2.08 -8.23
N LEU B 480 16.05 -1.00 -7.65
CA LEU B 480 17.04 -1.08 -6.60
C LEU B 480 16.58 -2.02 -5.45
N LEU B 481 15.40 -1.79 -4.93
CA LEU B 481 14.91 -2.59 -3.81
C LEU B 481 14.50 -4.02 -4.20
N LEU B 482 14.26 -4.26 -5.48
CA LEU B 482 14.03 -5.62 -5.97
C LEU B 482 15.32 -6.31 -6.42
N SER B 483 16.45 -5.61 -6.41
CA SER B 483 17.65 -6.23 -6.94
C SER B 483 18.12 -7.45 -6.13
N PRO B 484 17.83 -7.49 -4.82
CA PRO B 484 18.11 -8.73 -4.10
C PRO B 484 17.24 -9.92 -4.55
N ILE B 485 16.07 -9.62 -5.12
CA ILE B 485 15.13 -10.65 -5.55
C ILE B 485 15.42 -11.04 -7.00
N LEU B 486 15.74 -10.04 -7.82
CA LEU B 486 15.96 -10.26 -9.24
C LEU B 486 17.34 -9.72 -9.60
N PRO B 487 18.40 -10.36 -9.09
CA PRO B 487 19.75 -9.83 -9.22
C PRO B 487 20.27 -9.67 -10.66
N ARG B 488 19.86 -10.54 -11.58
CA ARG B 488 20.28 -10.40 -12.99
C ARG B 488 19.39 -9.46 -13.79
N LYS B 489 18.07 -9.59 -13.64
CA LYS B 489 17.14 -8.74 -14.36
C LYS B 489 17.28 -7.26 -13.93
N SER B 490 17.63 -7.01 -12.68
CA SER B 490 17.82 -5.65 -12.23
C SER B 490 18.97 -4.98 -13.00
N VAL B 491 20.02 -5.74 -13.29
CA VAL B 491 21.14 -5.22 -14.05
C VAL B 491 20.68 -4.82 -15.45
N VAL B 492 19.88 -5.69 -16.08
CA VAL B 492 19.33 -5.38 -17.40
C VAL B 492 18.50 -4.10 -17.36
N ILE B 493 17.63 -3.99 -16.35
CA ILE B 493 16.80 -2.79 -16.20
C ILE B 493 17.66 -1.54 -16.04
N PHE B 494 18.68 -1.60 -15.19
CA PHE B 494 19.55 -0.45 -14.97
C PHE B 494 20.32 -0.09 -16.23
N ASP B 495 20.79 -1.09 -16.97
CA ASP B 495 21.49 -0.83 -18.22
C ASP B 495 20.56 -0.11 -19.18
N MET B 496 19.30 -0.54 -19.27
CA MET B 496 18.30 0.11 -20.15
C MET B 496 18.08 1.56 -19.77
N LEU B 497 17.90 1.80 -18.47
CA LEU B 497 17.72 3.15 -17.94
C LEU B 497 19.00 3.97 -17.95
N GLY B 498 20.14 3.33 -18.23
CA GLY B 498 21.43 4.02 -18.23
C GLY B 498 21.89 4.49 -16.86
N VAL B 499 21.43 3.81 -15.80
CA VAL B 499 21.86 4.15 -14.45
C VAL B 499 23.35 3.82 -14.28
N PRO B 500 24.17 4.82 -13.92
CA PRO B 500 25.58 4.51 -13.68
C PRO B 500 25.79 3.55 -12.52
N GLU B 501 26.87 2.76 -12.57
CA GLU B 501 27.16 1.75 -11.55
C GLU B 501 27.09 2.29 -10.15
N VAL B 502 27.71 3.45 -9.96
CA VAL B 502 27.80 4.09 -8.67
C VAL B 502 26.42 4.26 -8.01
N HIS B 503 25.37 4.45 -8.83
CA HIS B 503 24.03 4.63 -8.29
C HIS B 503 23.20 3.33 -8.18
N ARG B 504 23.82 2.17 -8.33
CA ARG B 504 23.10 0.90 -8.34
C ARG B 504 23.16 0.21 -6.97
N LYS B 505 23.92 0.79 -6.06
CA LYS B 505 23.98 0.32 -4.69
C LYS B 505 24.26 1.48 -3.76
N GLY B 506 24.05 1.28 -2.47
CA GLY B 506 24.32 2.29 -1.46
C GLY B 506 23.03 2.89 -0.94
N ILE B 507 22.89 2.90 0.38
CA ILE B 507 21.73 3.49 1.03
C ILE B 507 21.47 4.92 0.55
N GLU B 508 22.54 5.69 0.28
CA GLU B 508 22.38 7.06 -0.27
C GLU B 508 21.64 7.12 -1.61
N ASN B 509 21.63 6.03 -2.37
CA ASN B 509 20.88 5.95 -3.63
C ASN B 509 19.45 5.44 -3.54
N PHE B 510 19.01 5.11 -2.33
CA PHE B 510 17.60 4.87 -2.07
C PHE B 510 16.81 6.19 -2.25
N GLU B 511 17.47 7.32 -2.04
CA GLU B 511 16.83 8.62 -2.15
C GLU B 511 16.28 8.93 -3.55
N PHE B 512 15.09 9.49 -3.57
CA PHE B 512 14.50 10.07 -4.77
C PHE B 512 15.45 11.12 -5.33
N GLY B 513 15.72 11.04 -6.63
CA GLY B 513 16.51 12.06 -7.32
C GLY B 513 18.02 11.80 -7.44
N ALA B 514 18.45 10.56 -7.23
CA ALA B 514 19.89 10.26 -7.21
C ALA B 514 20.54 10.30 -8.60
N VAL B 515 19.77 10.07 -9.66
CA VAL B 515 20.29 10.11 -11.02
C VAL B 515 19.82 11.39 -11.67
N PRO B 516 20.77 12.26 -12.07
CA PRO B 516 20.38 13.58 -12.52
C PRO B 516 19.88 13.61 -13.95
N PRO B 517 19.00 14.57 -14.28
CA PRO B 517 18.57 14.81 -15.66
C PRO B 517 19.75 14.96 -16.61
N GLY B 518 19.63 14.36 -17.79
CA GLY B 518 20.67 14.45 -18.81
C GLY B 518 21.40 13.13 -18.95
N THR B 519 21.28 12.28 -17.94
CA THR B 519 21.80 10.92 -18.01
C THR B 519 21.22 10.24 -19.24
N ARG B 520 22.09 9.70 -20.09
CA ARG B 520 21.62 9.04 -21.29
C ARG B 520 21.16 7.61 -20.98
N LEU B 521 20.06 7.21 -21.60
CA LEU B 521 19.58 5.84 -21.52
C LEU B 521 20.60 4.89 -22.14
N GLY B 522 20.52 3.62 -21.78
CA GLY B 522 21.31 2.59 -22.43
C GLY B 522 20.79 2.30 -23.83
N PRO B 523 21.66 1.75 -24.69
CA PRO B 523 21.25 1.51 -26.08
C PRO B 523 20.14 0.47 -26.13
N ALA B 524 19.25 0.61 -27.11
CA ALA B 524 18.15 -0.33 -27.27
C ALA B 524 18.54 -1.45 -28.23
N VAL B 525 18.13 -2.67 -27.90
CA VAL B 525 18.32 -3.83 -28.77
C VAL B 525 16.98 -4.16 -29.45
N GLU B 526 17.02 -4.41 -30.76
CA GLU B 526 15.81 -4.74 -31.52
C GLU B 526 15.27 -6.11 -31.12
N GLY B 527 14.05 -6.13 -30.58
CA GLY B 527 13.44 -7.37 -30.12
C GLY B 527 13.88 -7.72 -28.71
N GLU B 528 13.92 -6.71 -27.84
CA GLU B 528 14.36 -6.88 -26.47
C GLU B 528 13.13 -7.11 -25.60
N VAL B 529 13.15 -8.16 -24.80
CA VAL B 529 12.07 -8.43 -23.85
C VAL B 529 12.64 -8.81 -22.50
N LEU B 530 12.19 -8.11 -21.47
CA LEU B 530 12.70 -8.32 -20.12
C LEU B 530 12.16 -9.63 -19.52
N PHE B 531 10.85 -9.85 -19.64
CA PHE B 531 10.21 -11.09 -19.26
C PHE B 531 9.23 -11.52 -20.35
N SER B 532 9.50 -12.66 -20.98
CA SER B 532 8.62 -13.20 -22.00
C SER B 532 7.38 -13.79 -21.35
N LYS B 533 6.20 -13.36 -21.80
CA LYS B 533 4.96 -13.94 -21.34
C LYS B 533 4.84 -15.36 -21.87
N ARG B 534 4.08 -16.19 -21.18
CA ARG B 534 3.92 -17.61 -21.53
C ARG B 534 2.47 -18.05 -21.52
N SER B 535 2.17 -19.15 -22.20
CA SER B 535 0.79 -19.52 -22.53
C SER B 535 -0.08 -19.95 -21.35
N THR B 536 -1.35 -19.54 -21.42
CA THR B 536 -2.45 -20.12 -20.64
C THR B 536 -2.15 -21.55 -20.15
C1 GOL C . -12.63 -2.00 -6.43
O1 GOL C . -12.20 -0.64 -6.43
C2 GOL C . -12.27 -2.53 -5.05
O2 GOL C . -10.90 -2.90 -5.04
C3 GOL C . -13.13 -3.70 -4.61
O3 GOL C . -13.13 -3.65 -3.17
C1 GOL D . -14.35 16.69 10.03
O1 GOL D . -14.65 18.05 9.69
C2 GOL D . -15.63 16.04 10.51
O2 GOL D . -16.65 16.84 9.94
C3 GOL D . -15.73 16.07 12.02
O3 GOL D . -15.48 17.42 12.43
C1 GOL E . 10.36 3.11 13.15
O1 GOL E . 9.65 3.20 11.91
C2 GOL E . 9.63 3.98 14.15
O2 GOL E . 9.72 5.34 13.67
C3 GOL E . 10.22 3.82 15.56
O3 GOL E . 9.49 4.62 16.51
S DMS F . -20.33 26.08 -28.34
O DMS F . -21.42 26.07 -29.36
C1 DMS F . -20.12 27.60 -27.56
C2 DMS F . -20.89 25.22 -26.98
S DMS G . -15.43 19.94 -23.62
O DMS G . -16.01 19.88 -22.25
C1 DMS G . -15.51 18.40 -24.34
C2 DMS G . -16.48 20.80 -24.66
N MET H . -27.69 24.55 -12.83
CA MET H . -26.63 23.80 -13.56
C MET H . -26.98 22.33 -13.51
O MET H . -26.42 21.55 -14.28
CB MET H . -25.25 24.00 -12.91
CG MET H . -24.81 25.45 -12.70
SD MET H . -23.20 25.50 -11.87
CE MET H . -22.75 27.24 -11.99
OXT MET H . -27.78 21.90 -12.68
C1 GOL I . 34.74 -21.03 22.64
O1 GOL I . 34.71 -20.50 23.96
C2 GOL I . 35.54 -20.06 21.80
O2 GOL I . 36.36 -19.36 22.73
C3 GOL I . 34.62 -19.11 21.03
O3 GOL I . 35.25 -18.44 19.92
C1 GOL J . -1.57 -12.19 -4.81
O1 GOL J . -2.12 -12.88 -5.94
C2 GOL J . -2.32 -12.54 -3.54
O2 GOL J . -1.99 -11.58 -2.53
C3 GOL J . -1.86 -13.88 -3.02
O3 GOL J . -0.62 -13.63 -2.33
C1 GOL K . 36.12 -38.59 10.91
O1 GOL K . 36.24 -39.05 12.26
C2 GOL K . 36.77 -37.22 10.79
O2 GOL K . 38.20 -37.33 10.80
C3 GOL K . 36.35 -36.56 9.48
O3 GOL K . 35.76 -35.32 9.82
C1 GOL L . 22.71 -7.73 -8.32
O1 GOL L . 21.65 -6.93 -8.86
C2 GOL L . 23.36 -6.98 -7.17
O2 GOL L . 24.70 -7.47 -6.99
C3 GOL L . 22.51 -7.15 -5.91
O3 GOL L . 22.61 -8.49 -5.45
C1 GOL M . 26.52 3.50 15.00
O1 GOL M . 25.67 3.40 13.85
C2 GOL M . 26.53 4.90 15.63
O2 GOL M . 27.85 5.43 15.56
C3 GOL M . 25.59 5.89 14.96
O3 GOL M . 24.46 6.25 15.77
S DMS N . 28.24 -19.21 -4.22
O DMS N . 26.81 -19.24 -3.84
C1 DMS N . 28.43 -19.90 -5.77
C2 DMS N . 28.84 -17.63 -4.55
S DMS O . 18.32 -35.36 14.31
O DMS O . 18.55 -33.96 13.87
C1 DMS O . 19.72 -36.00 15.05
C2 DMS O . 17.21 -35.42 15.61
S SO4 P . 23.71 -24.25 37.47
O1 SO4 P . 24.78 -24.65 36.53
O2 SO4 P . 24.35 -23.73 38.71
O3 SO4 P . 22.84 -25.42 37.80
O4 SO4 P . 22.91 -23.19 36.82
CAA 415 Q . 21.95 -29.16 15.65
OAS 415 Q . 21.10 -29.77 14.69
CAX 415 Q . 21.11 -29.28 13.41
CAK 415 Q . 20.28 -30.02 12.59
CAJ 415 Q . 21.84 -28.21 12.92
CAU 415 Q . 21.69 -27.88 11.59
CLC 415 Q . 22.53 -26.50 10.98
CAI 415 Q . 20.87 -28.61 10.75
CAV 415 Q . 20.16 -29.70 11.25
CAO 415 Q . 19.29 -30.54 10.35
NAP 415 Q . 20.01 -31.65 9.72
CAM 415 Q . 20.26 -32.77 10.63
CAL 415 Q . 20.77 -33.99 9.90
CAN 415 Q . 21.42 -35.02 10.80
NAQ 415 Q . 22.84 -34.78 10.99
CAT 415 Q . 23.58 -35.58 11.78
OAB 415 Q . 23.10 -36.56 12.34
NAR 415 Q . 24.88 -35.17 11.97
CAW 415 Q . 25.83 -35.73 12.86
CAG 415 Q . 25.68 -37.00 13.40
CAE 415 Q . 26.61 -37.50 14.29
CAD 415 Q . 27.70 -36.74 14.63
CAF 415 Q . 27.88 -35.48 14.09
CAH 415 Q . 26.94 -34.97 13.21
#